data_5XCU
#
_entry.id   5XCU
#
_cell.length_a   57.380
_cell.length_b   107.310
_cell.length_c   66.700
_cell.angle_alpha   90.00
_cell.angle_beta   92.92
_cell.angle_gamma   90.00
#
_symmetry.space_group_name_H-M   'P 1 21 1'
#
loop_
_entity.id
_entity.type
_entity.pdbx_description
1 polymer 'VH(S112C)-SARAH chimera,VH(S112C)-SARAH chimera'
2 polymer 'VL-SARAH(S37C) chimera,VL-SARAH(S37C) chimera'
3 polymer 'HA peptide'
4 non-polymer 'SULFATE ION'
5 water water
#
loop_
_entity_poly.entity_id
_entity_poly.type
_entity_poly.pdbx_seq_one_letter_code
_entity_poly.pdbx_strand_id
1 'polypeptide(L)'
;MEVKLVESGGDLVKPGGSLKLSCAASGFTFSSYGMSWVRQTPDKRLEWVATISRGGSYTYYPDSVKGRFTISRDNAKNTL
YLQMSSLKSEDTAMYYCARRETYDEKGFAYWGQGTTVTVCSGSDYEFLKSWTVEDLQKRLLALDPMMEQEIEEIRQKYQS
KRQPILDAIEAK
;
A,D
2 'polypeptide(L)'
;MDIELTQSPSSLTVTAGEKVTMSCKSSQSLLNSGNQKNYLTWYQQKPGQPPKLLIYWASTRESGVPDRFTGSGSGRDFTL
TISSVQAEDLAVYYCQNDNSHPLTFGAGTKLELKAGSDYEFLKSWTVEDLQKRLLALDPMMEQEIEEIRQKYQCKRQPIL
DAIEAK
;
B,E
3 'polypeptide(L)' YPYDVPDYA C,F
#
loop_
_chem_comp.id
_chem_comp.type
_chem_comp.name
_chem_comp.formula
SO4 non-polymer 'SULFATE ION' 'O4 S -2'
#
# COMPACT_ATOMS: atom_id res chain seq x y z
N GLU A 2 -15.35 -13.43 -21.53
CA GLU A 2 -15.10 -13.52 -20.10
C GLU A 2 -15.78 -12.44 -19.26
N VAL A 3 -16.64 -12.84 -18.33
CA VAL A 3 -17.36 -11.87 -17.49
C VAL A 3 -16.44 -11.40 -16.38
N LYS A 4 -16.29 -10.08 -16.25
CA LYS A 4 -15.47 -9.50 -15.19
C LYS A 4 -16.23 -8.34 -14.55
N LEU A 5 -16.03 -8.15 -13.24
CA LEU A 5 -16.64 -7.06 -12.51
C LEU A 5 -15.60 -6.50 -11.56
N VAL A 6 -15.47 -5.17 -11.51
CA VAL A 6 -14.45 -4.52 -10.70
C VAL A 6 -15.09 -3.42 -9.86
N GLU A 7 -15.12 -3.63 -8.56
CA GLU A 7 -15.57 -2.62 -7.63
C GLU A 7 -14.46 -1.60 -7.43
N SER A 8 -14.84 -0.45 -6.84
CA SER A 8 -13.92 0.61 -6.47
C SER A 8 -14.71 1.65 -5.69
N GLY A 9 -13.99 2.46 -4.92
CA GLY A 9 -14.61 3.53 -4.14
C GLY A 9 -14.56 3.33 -2.65
N GLY A 10 -14.21 2.14 -2.18
CA GLY A 10 -14.06 1.94 -0.76
C GLY A 10 -13.08 2.93 -0.14
N ASP A 11 -13.24 3.11 1.16
CA ASP A 11 -12.56 4.16 1.91
C ASP A 11 -12.92 3.93 3.36
N LEU A 12 -12.22 4.63 4.24
CA LEU A 12 -12.52 4.64 5.67
C LEU A 12 -13.18 5.97 5.99
N VAL A 13 -14.36 5.93 6.61
CA VAL A 13 -15.09 7.16 6.85
C VAL A 13 -15.72 7.14 8.24
N LYS A 14 -16.06 8.33 8.71
CA LYS A 14 -16.69 8.53 10.01
C LYS A 14 -18.19 8.31 9.91
N PRO A 15 -18.86 7.97 11.01
CA PRO A 15 -20.32 7.79 10.96
C PRO A 15 -21.00 9.07 10.52
N GLY A 16 -22.09 8.89 9.79
CA GLY A 16 -22.83 10.00 9.23
C GLY A 16 -22.28 10.52 7.94
N GLY A 17 -21.12 10.02 7.50
CA GLY A 17 -20.59 10.40 6.21
C GLY A 17 -21.31 9.69 5.09
N SER A 18 -20.91 10.02 3.86
CA SER A 18 -21.42 9.32 2.71
C SER A 18 -20.26 8.93 1.82
N LEU A 19 -20.57 8.13 0.80
CA LEU A 19 -19.59 7.51 -0.07
C LEU A 19 -20.34 6.91 -1.25
N LYS A 20 -19.70 6.90 -2.42
CA LYS A 20 -20.28 6.30 -3.61
C LYS A 20 -19.32 5.24 -4.15
N LEU A 21 -19.81 4.02 -4.30
CA LEU A 21 -19.09 2.88 -4.86
C LEU A 21 -19.35 2.76 -6.36
N SER A 22 -18.42 2.12 -7.06
CA SER A 22 -18.52 1.94 -8.49
C SER A 22 -18.28 0.48 -8.83
N CYS A 23 -18.84 0.06 -9.94
CA CYS A 23 -18.57 -1.29 -10.45
C CYS A 23 -18.48 -1.21 -11.95
N ALA A 24 -17.32 -1.61 -12.48
CA ALA A 24 -17.12 -1.65 -13.92
C ALA A 24 -17.41 -3.07 -14.41
N ALA A 25 -18.16 -3.17 -15.48
CA ALA A 25 -18.61 -4.45 -15.98
C ALA A 25 -18.11 -4.64 -17.40
N SER A 26 -17.74 -5.89 -17.72
CA SER A 26 -17.30 -6.22 -19.07
C SER A 26 -17.54 -7.71 -19.33
N GLY A 27 -17.51 -8.08 -20.61
CA GLY A 27 -17.62 -9.47 -21.00
C GLY A 27 -19.01 -9.96 -21.28
N PHE A 28 -20.00 -9.07 -21.19
CA PHE A 28 -21.39 -9.43 -21.41
C PHE A 28 -22.13 -8.14 -21.73
N THR A 29 -23.37 -8.29 -22.19
CA THR A 29 -24.19 -7.13 -22.53
C THR A 29 -24.77 -6.55 -21.24
N PHE A 30 -24.18 -5.44 -20.80
CA PHE A 30 -24.50 -4.87 -19.49
C PHE A 30 -25.96 -4.51 -19.37
N SER A 31 -26.53 -3.87 -20.40
CA SER A 31 -27.91 -3.41 -20.37
C SER A 31 -28.91 -4.54 -20.46
N SER A 32 -28.49 -5.79 -20.56
CA SER A 32 -29.42 -6.89 -20.59
C SER A 32 -29.62 -7.52 -19.21
N TYR A 33 -28.84 -7.12 -18.22
CA TYR A 33 -28.86 -7.76 -16.91
C TYR A 33 -29.13 -6.74 -15.80
N GLY A 34 -30.00 -7.14 -14.85
CA GLY A 34 -30.02 -6.45 -13.58
C GLY A 34 -28.73 -6.65 -12.83
N MET A 35 -28.53 -5.84 -11.79
CA MET A 35 -27.31 -5.94 -10.99
C MET A 35 -27.64 -5.84 -9.51
N SER A 36 -26.74 -6.32 -8.69
CA SER A 36 -26.93 -6.30 -7.26
C SER A 36 -25.66 -5.88 -6.54
N TRP A 37 -25.83 -5.38 -5.32
CA TRP A 37 -24.74 -5.17 -4.39
C TRP A 37 -24.99 -6.08 -3.18
N VAL A 38 -23.96 -6.79 -2.75
CA VAL A 38 -24.04 -7.72 -1.62
C VAL A 38 -22.78 -7.50 -0.79
N ARG A 39 -22.94 -7.31 0.52
CA ARG A 39 -21.79 -7.04 1.37
C ARG A 39 -21.54 -8.19 2.35
N GLN A 40 -20.30 -8.27 2.83
CA GLN A 40 -19.87 -9.27 3.82
C GLN A 40 -19.28 -8.54 5.02
N THR A 41 -20.00 -8.56 6.14
CA THR A 41 -19.59 -7.87 7.36
C THR A 41 -18.46 -8.66 8.03
N PRO A 42 -17.76 -8.06 9.02
CA PRO A 42 -16.60 -8.76 9.62
C PRO A 42 -16.93 -10.10 10.24
N ASP A 43 -18.13 -10.29 10.78
CA ASP A 43 -18.47 -11.64 11.27
C ASP A 43 -18.66 -12.68 10.12
N LYS A 44 -18.34 -12.21 8.90
CA LYS A 44 -18.40 -13.00 7.67
C LYS A 44 -19.82 -13.40 7.32
N ARG A 45 -20.81 -12.62 7.74
CA ARG A 45 -22.16 -12.82 7.26
C ARG A 45 -22.36 -12.13 5.92
N LEU A 46 -23.20 -12.73 5.08
CA LEU A 46 -23.51 -12.18 3.77
C LEU A 46 -24.86 -11.49 3.83
N GLU A 47 -24.92 -10.25 3.35
CA GLU A 47 -26.13 -9.44 3.50
C GLU A 47 -26.43 -8.77 2.19
N TRP A 48 -27.57 -9.12 1.58
CA TRP A 48 -27.97 -8.50 0.33
C TRP A 48 -28.41 -7.06 0.59
N VAL A 49 -27.98 -6.16 -0.28
CA VAL A 49 -28.07 -4.76 0.06
C VAL A 49 -28.82 -3.96 -0.99
N ALA A 50 -28.76 -4.38 -2.26
CA ALA A 50 -29.47 -3.61 -3.28
C ALA A 50 -29.52 -4.37 -4.59
N THR A 51 -30.61 -4.17 -5.33
CA THR A 51 -30.78 -4.78 -6.64
C THR A 51 -31.41 -3.75 -7.56
N ILE A 52 -31.04 -3.78 -8.83
CA ILE A 52 -31.59 -2.88 -9.82
C ILE A 52 -31.90 -3.69 -11.07
N SER A 53 -32.97 -3.31 -11.74
CA SER A 53 -33.32 -4.00 -12.97
C SER A 53 -32.43 -3.54 -14.13
N ARG A 54 -32.40 -4.38 -15.17
CA ARG A 54 -31.52 -4.17 -16.30
C ARG A 54 -31.66 -2.78 -16.91
N GLY A 55 -32.85 -2.18 -16.85
CA GLY A 55 -33.08 -0.86 -17.40
C GLY A 55 -33.02 0.26 -16.40
N GLY A 56 -32.89 -0.07 -15.10
CA GLY A 56 -32.75 0.93 -14.06
C GLY A 56 -34.02 1.45 -13.44
N SER A 57 -35.19 1.13 -13.98
CA SER A 57 -36.41 1.73 -13.46
C SER A 57 -36.94 1.03 -12.20
N TYR A 58 -36.48 -0.18 -11.87
CA TYR A 58 -36.85 -0.88 -10.64
C TYR A 58 -35.67 -0.99 -9.70
N THR A 59 -35.86 -0.60 -8.44
CA THR A 59 -34.85 -0.76 -7.41
C THR A 59 -35.46 -1.40 -6.18
N TYR A 60 -34.65 -2.20 -5.50
CA TYR A 60 -35.05 -2.96 -4.32
C TYR A 60 -33.96 -2.86 -3.27
N TYR A 61 -34.36 -2.78 -2.01
CA TYR A 61 -33.45 -2.68 -0.87
C TYR A 61 -34.05 -3.41 0.33
N PRO A 62 -33.21 -4.02 1.17
CA PRO A 62 -33.69 -4.47 2.48
C PRO A 62 -33.98 -3.26 3.35
N ASP A 63 -34.71 -3.51 4.43
CA ASP A 63 -35.08 -2.43 5.34
C ASP A 63 -33.86 -1.77 5.99
N SER A 64 -32.73 -2.47 6.09
CA SER A 64 -31.60 -1.92 6.82
C SER A 64 -30.88 -0.80 6.10
N VAL A 65 -31.14 -0.58 4.81
CA VAL A 65 -30.44 0.48 4.08
C VAL A 65 -31.42 1.36 3.30
N LYS A 66 -32.71 1.08 3.46
CA LYS A 66 -33.74 1.88 2.81
C LYS A 66 -33.65 3.34 3.25
N GLY A 67 -33.69 4.25 2.30
CA GLY A 67 -33.59 5.66 2.58
C GLY A 67 -32.18 6.16 2.70
N ARG A 68 -31.20 5.28 2.82
CA ARG A 68 -29.78 5.61 2.93
C ARG A 68 -28.98 5.23 1.70
N PHE A 69 -29.19 4.04 1.14
CA PHE A 69 -28.44 3.58 -0.03
C PHE A 69 -29.30 3.74 -1.29
N THR A 70 -28.67 4.16 -2.38
CA THR A 70 -29.34 4.26 -3.67
C THR A 70 -28.49 3.54 -4.70
N ILE A 71 -29.08 2.63 -5.43
CA ILE A 71 -28.38 1.89 -6.46
C ILE A 71 -28.73 2.53 -7.80
N SER A 72 -27.76 2.62 -8.69
CA SER A 72 -28.02 3.25 -9.97
C SER A 72 -27.06 2.69 -10.99
N ARG A 73 -27.34 2.97 -12.26
CA ARG A 73 -26.56 2.40 -13.33
C ARG A 73 -26.49 3.37 -14.50
N ASP A 74 -25.35 3.38 -15.16
CA ASP A 74 -25.17 4.10 -16.41
C ASP A 74 -24.95 3.07 -17.50
N ASN A 75 -26.02 2.77 -18.25
CA ASN A 75 -25.92 1.65 -19.19
C ASN A 75 -25.04 1.98 -20.38
N ALA A 76 -24.84 3.27 -20.70
CA ALA A 76 -23.92 3.62 -21.78
C ALA A 76 -22.46 3.50 -21.36
N LYS A 77 -22.19 3.50 -20.06
CA LYS A 77 -20.84 3.40 -19.54
C LYS A 77 -20.51 2.04 -18.94
N ASN A 78 -21.45 1.10 -18.90
CA ASN A 78 -21.21 -0.23 -18.33
C ASN A 78 -20.83 -0.14 -16.86
N THR A 79 -21.52 0.72 -16.12
CA THR A 79 -21.14 1.00 -14.74
C THR A 79 -22.34 0.89 -13.82
N LEU A 80 -22.14 0.24 -12.69
CA LEU A 80 -23.13 0.17 -11.64
C LEU A 80 -22.63 0.97 -10.43
N TYR A 81 -23.56 1.60 -9.71
CA TYR A 81 -23.20 2.52 -8.63
C TYR A 81 -23.93 2.16 -7.34
N LEU A 82 -23.32 2.52 -6.22
CA LEU A 82 -24.02 2.45 -4.93
C LEU A 82 -23.66 3.70 -4.14
N GLN A 83 -24.62 4.60 -3.96
CA GLN A 83 -24.46 5.74 -3.08
C GLN A 83 -24.89 5.34 -1.67
N MET A 84 -24.03 5.61 -0.70
CA MET A 84 -24.28 5.25 0.69
C MET A 84 -24.29 6.51 1.53
N SER A 85 -25.42 6.80 2.18
CA SER A 85 -25.58 7.97 3.04
C SER A 85 -25.80 7.55 4.49
N SER A 86 -25.64 8.51 5.39
CA SER A 86 -25.91 8.32 6.82
C SER A 86 -25.23 7.05 7.35
N LEU A 87 -23.96 6.88 6.96
CA LEU A 87 -23.25 5.64 7.25
C LEU A 87 -23.19 5.37 8.74
N LYS A 88 -23.52 4.15 9.11
CA LYS A 88 -23.29 3.68 10.47
C LYS A 88 -22.06 2.79 10.49
N SER A 89 -21.43 2.75 11.65
CA SER A 89 -20.42 1.75 11.97
C SER A 89 -20.80 0.37 11.46
N GLU A 90 -22.09 0.00 11.59
CA GLU A 90 -22.58 -1.32 11.17
C GLU A 90 -22.40 -1.55 9.68
N ASP A 91 -22.26 -0.50 8.89
CA ASP A 91 -22.13 -0.63 7.46
C ASP A 91 -20.73 -1.06 7.02
N THR A 92 -19.82 -1.28 7.97
CA THR A 92 -18.46 -1.74 7.69
C THR A 92 -18.50 -3.15 7.08
N ALA A 93 -17.91 -3.31 5.89
CA ALA A 93 -17.95 -4.61 5.23
C ALA A 93 -17.11 -4.55 3.96
N MET A 94 -16.90 -5.75 3.39
CA MET A 94 -16.49 -5.88 2.00
C MET A 94 -17.75 -5.84 1.13
N TYR A 95 -17.80 -4.90 0.19
CA TYR A 95 -18.95 -4.75 -0.68
C TYR A 95 -18.66 -5.41 -2.02
N TYR A 96 -19.55 -6.29 -2.46
CA TYR A 96 -19.39 -7.01 -3.71
C TYR A 96 -20.45 -6.58 -4.72
N CYS A 97 -19.98 -6.38 -5.92
CA CYS A 97 -20.79 -6.16 -7.10
C CYS A 97 -21.12 -7.53 -7.70
N ALA A 98 -22.36 -7.70 -8.15
CA ALA A 98 -22.74 -8.99 -8.70
C ALA A 98 -23.82 -8.85 -9.76
N ARG A 99 -23.77 -9.75 -10.74
CA ARG A 99 -24.76 -9.76 -11.81
C ARG A 99 -26.03 -10.45 -11.35
N ARG A 100 -27.17 -9.84 -11.66
CA ARG A 100 -28.45 -10.49 -11.47
C ARG A 100 -28.77 -11.36 -12.69
N GLU A 101 -29.08 -12.62 -12.44
CA GLU A 101 -29.26 -13.57 -13.54
C GLU A 101 -30.69 -13.45 -14.05
N THR A 102 -30.90 -12.39 -14.82
CA THR A 102 -32.23 -12.06 -15.30
C THR A 102 -32.83 -13.18 -16.15
N TYR A 103 -32.00 -14.05 -16.72
CA TYR A 103 -32.50 -15.13 -17.59
C TYR A 103 -32.39 -16.50 -16.95
N ASP A 104 -31.35 -16.77 -16.17
CA ASP A 104 -31.22 -18.08 -15.56
C ASP A 104 -31.99 -18.17 -14.25
N GLU A 105 -32.11 -17.07 -13.53
CA GLU A 105 -32.80 -17.04 -12.26
C GLU A 105 -32.24 -18.14 -11.35
N LYS A 106 -30.94 -18.07 -11.14
CA LYS A 106 -30.20 -19.13 -10.48
C LYS A 106 -29.43 -18.65 -9.25
N GLY A 107 -29.47 -17.37 -8.93
CA GLY A 107 -28.64 -16.83 -7.89
C GLY A 107 -27.53 -15.96 -8.44
N PHE A 108 -26.45 -15.84 -7.68
CA PHE A 108 -25.33 -14.99 -8.06
C PHE A 108 -24.16 -15.84 -8.55
N ALA A 109 -23.92 -15.81 -9.86
CA ALA A 109 -22.80 -16.51 -10.45
C ALA A 109 -21.55 -15.63 -10.65
N TYR A 110 -21.72 -14.33 -10.84
CA TYR A 110 -20.62 -13.42 -11.14
C TYR A 110 -20.50 -12.36 -10.05
N TRP A 111 -19.36 -12.35 -9.38
CA TRP A 111 -19.03 -11.36 -8.37
C TRP A 111 -17.74 -10.63 -8.77
N GLY A 112 -17.61 -9.39 -8.29
CA GLY A 112 -16.37 -8.65 -8.36
C GLY A 112 -15.39 -9.11 -7.29
N GLN A 113 -14.26 -8.40 -7.19
CA GLN A 113 -13.24 -8.78 -6.20
C GLN A 113 -13.57 -8.23 -4.81
N GLY A 114 -14.38 -7.18 -4.74
CA GLY A 114 -14.80 -6.55 -3.51
C GLY A 114 -14.07 -5.25 -3.28
N THR A 115 -14.76 -4.28 -2.69
CA THR A 115 -14.12 -3.05 -2.20
C THR A 115 -14.54 -2.80 -0.76
N THR A 116 -13.56 -2.56 0.10
CA THR A 116 -13.73 -2.45 1.55
C THR A 116 -14.26 -1.08 1.94
N VAL A 117 -15.39 -1.05 2.65
CA VAL A 117 -15.87 0.14 3.33
C VAL A 117 -15.66 -0.05 4.82
N THR A 118 -15.03 0.92 5.48
CA THR A 118 -14.89 0.91 6.93
C THR A 118 -15.48 2.19 7.47
N VAL A 119 -16.51 2.07 8.31
CA VAL A 119 -17.11 3.21 8.98
C VAL A 119 -16.69 3.13 10.44
N CYS A 120 -16.03 4.17 10.92
CA CYS A 120 -15.28 4.07 12.15
C CYS A 120 -16.18 3.95 13.37
N SER A 121 -15.72 3.19 14.34
CA SER A 121 -16.37 3.07 15.63
C SER A 121 -15.49 3.72 16.68
N GLY A 122 -16.13 4.27 17.71
CA GLY A 122 -15.40 4.95 18.77
C GLY A 122 -14.84 6.27 18.35
N SER A 123 -15.61 7.07 17.61
CA SER A 123 -15.11 8.28 16.97
C SER A 123 -15.31 9.53 17.80
N ASP A 124 -16.23 9.54 18.76
CA ASP A 124 -16.45 10.77 19.52
C ASP A 124 -15.33 10.96 20.54
N TYR A 125 -14.80 12.18 20.57
CA TYR A 125 -13.63 12.50 21.36
C TYR A 125 -13.94 13.58 22.37
N GLU A 126 -15.21 13.90 22.58
CA GLU A 126 -15.54 15.01 23.45
C GLU A 126 -14.95 14.79 24.83
N PHE A 127 -14.93 13.54 25.31
CA PHE A 127 -14.35 13.25 26.61
C PHE A 127 -12.84 13.36 26.61
N LEU A 128 -12.19 13.28 25.46
CA LEU A 128 -10.73 13.39 25.42
C LEU A 128 -10.23 14.84 25.49
N LYS A 129 -11.09 15.84 25.34
CA LYS A 129 -10.61 17.21 25.18
C LYS A 129 -9.98 17.73 26.45
N SER A 130 -10.47 17.31 27.61
CA SER A 130 -9.90 17.78 28.86
C SER A 130 -8.61 17.07 29.25
N TRP A 131 -8.14 16.10 28.47
CA TRP A 131 -6.87 15.48 28.79
C TRP A 131 -5.72 16.44 28.47
N THR A 132 -4.59 16.27 29.17
CA THR A 132 -3.38 16.99 28.79
C THR A 132 -2.82 16.39 27.49
N VAL A 133 -2.08 17.24 26.74
CA VAL A 133 -1.49 16.78 25.48
C VAL A 133 -0.50 15.66 25.72
N GLU A 134 0.18 15.67 26.87
CA GLU A 134 1.09 14.59 27.20
C GLU A 134 0.33 13.27 27.34
N ASP A 135 -0.81 13.27 28.04
CA ASP A 135 -1.52 12.02 28.24
C ASP A 135 -2.16 11.53 26.95
N LEU A 136 -2.62 12.46 26.10
CA LEU A 136 -3.14 12.07 24.81
C LEU A 136 -2.05 11.42 23.96
N GLN A 137 -0.82 11.93 24.07
CA GLN A 137 0.28 11.32 23.35
C GLN A 137 0.54 9.88 23.83
N LYS A 138 0.56 9.69 25.16
CA LYS A 138 0.75 8.35 25.69
C LYS A 138 -0.32 7.39 25.18
N ARG A 139 -1.58 7.84 25.16
CA ARG A 139 -2.67 7.02 24.67
C ARG A 139 -2.54 6.78 23.18
N LEU A 140 -2.12 7.82 22.44
CA LEU A 140 -1.90 7.68 21.00
C LEU A 140 -0.74 6.75 20.69
N LEU A 141 0.37 6.89 21.41
CA LEU A 141 1.52 6.05 21.12
C LEU A 141 1.25 4.60 21.46
N ALA A 142 0.46 4.34 22.51
CA ALA A 142 0.22 2.98 22.93
C ALA A 142 -0.42 2.14 21.85
N LEU A 143 -1.15 2.74 20.89
CA LEU A 143 -1.75 1.90 19.86
C LEU A 143 -0.71 1.24 18.96
N ASP A 144 0.51 1.79 18.86
CA ASP A 144 1.51 1.19 17.99
C ASP A 144 1.90 -0.22 18.44
N PRO A 145 2.41 -0.44 19.65
CA PRO A 145 2.76 -1.83 20.01
C PRO A 145 1.56 -2.76 19.93
N MET A 146 0.35 -2.25 20.17
CA MET A 146 -0.84 -3.09 20.02
C MET A 146 -1.04 -3.49 18.56
N MET A 147 -0.95 -2.52 17.65
CA MET A 147 -1.16 -2.81 16.23
C MET A 147 -0.04 -3.69 15.67
N GLU A 148 1.21 -3.43 16.06
CA GLU A 148 2.28 -4.32 15.63
C GLU A 148 2.09 -5.72 16.17
N GLN A 149 1.51 -5.85 17.35
CA GLN A 149 1.41 -7.17 17.92
C GLN A 149 0.36 -7.99 17.20
N GLU A 150 -0.75 -7.34 16.81
CA GLU A 150 -1.81 -8.00 16.07
C GLU A 150 -1.35 -8.39 14.67
N ILE A 151 -0.55 -7.53 14.03
CA ILE A 151 0.01 -7.86 12.73
C ILE A 151 0.96 -9.04 12.86
N GLU A 152 1.71 -9.10 13.96
CA GLU A 152 2.66 -10.19 14.12
C GLU A 152 1.95 -11.53 14.32
N GLU A 153 0.75 -11.53 14.93
CA GLU A 153 -0.02 -12.76 15.11
C GLU A 153 -0.57 -13.28 13.80
N ILE A 154 -0.99 -12.37 12.91
CA ILE A 154 -1.36 -12.76 11.56
C ILE A 154 -0.19 -13.42 10.86
N ARG A 155 1.02 -12.89 11.08
CA ARG A 155 2.17 -13.51 10.45
C ARG A 155 2.42 -14.88 11.03
N GLN A 156 2.27 -15.02 12.35
CA GLN A 156 2.46 -16.31 13.01
C GLN A 156 1.46 -17.32 12.49
N LYS A 157 0.21 -16.89 12.34
CA LYS A 157 -0.84 -17.77 11.85
C LYS A 157 -0.51 -18.29 10.45
N TYR A 158 -0.03 -17.41 9.56
CA TYR A 158 0.23 -17.88 8.20
C TYR A 158 1.56 -18.65 8.11
N GLN A 159 2.54 -18.31 8.93
CA GLN A 159 3.68 -19.22 9.06
C GLN A 159 3.17 -20.62 9.38
N SER A 160 2.23 -20.73 10.32
CA SER A 160 1.70 -22.04 10.68
C SER A 160 1.01 -22.74 9.51
N LYS A 161 0.31 -21.97 8.65
CA LYS A 161 -0.39 -22.55 7.51
C LYS A 161 0.55 -22.93 6.37
N ARG A 162 1.63 -22.17 6.17
CA ARG A 162 2.58 -22.52 5.12
C ARG A 162 3.29 -23.84 5.44
N GLN A 163 3.50 -24.14 6.73
CA GLN A 163 4.42 -25.19 7.13
C GLN A 163 4.05 -26.58 6.61
N PRO A 164 2.80 -27.04 6.71
CA PRO A 164 2.51 -28.36 6.12
C PRO A 164 2.66 -28.38 4.60
N ILE A 165 2.32 -27.27 3.93
CA ILE A 165 2.51 -27.21 2.48
C ILE A 165 4.00 -27.24 2.14
N LEU A 166 4.81 -26.53 2.94
CA LEU A 166 6.25 -26.58 2.73
C LEU A 166 6.79 -27.97 2.98
N ASP A 167 6.30 -28.64 4.04
CA ASP A 167 6.76 -29.99 4.34
C ASP A 167 6.40 -30.96 3.22
N ALA A 168 5.21 -30.81 2.64
CA ALA A 168 4.85 -31.68 1.53
C ALA A 168 5.68 -31.36 0.30
N ILE A 169 5.98 -30.08 0.06
CA ILE A 169 6.85 -29.72 -1.05
C ILE A 169 8.21 -30.37 -0.88
N GLU A 170 8.78 -30.30 0.33
CA GLU A 170 10.12 -30.81 0.56
C GLU A 170 10.18 -32.33 0.41
N ALA A 171 9.09 -33.02 0.74
CA ALA A 171 9.05 -34.47 0.55
C ALA A 171 9.02 -34.85 -0.92
N LYS A 172 8.76 -33.87 -1.79
CA LYS A 172 8.52 -34.05 -3.22
C LYS A 172 7.23 -34.82 -3.40
N ASP B 2 -39.82 -11.80 6.72
CA ASP B 2 -38.42 -11.95 6.30
C ASP B 2 -37.96 -13.38 6.50
N ILE B 3 -37.28 -13.94 5.49
CA ILE B 3 -36.94 -15.36 5.49
C ILE B 3 -35.59 -15.56 6.17
N GLU B 4 -35.59 -16.43 7.17
CA GLU B 4 -34.42 -16.77 7.96
C GLU B 4 -33.90 -18.14 7.53
N LEU B 5 -32.60 -18.22 7.24
CA LEU B 5 -31.95 -19.47 6.86
C LEU B 5 -31.03 -19.88 7.99
N THR B 6 -31.21 -21.10 8.51
CA THR B 6 -30.40 -21.61 9.58
C THR B 6 -29.49 -22.71 9.08
N GLN B 7 -28.19 -22.49 9.15
CA GLN B 7 -27.18 -23.44 8.70
C GLN B 7 -26.54 -24.13 9.90
N SER B 8 -26.47 -25.45 9.85
CA SER B 8 -25.98 -26.22 10.96
C SER B 8 -25.15 -27.38 10.45
N PRO B 9 -24.08 -27.75 11.18
CA PRO B 9 -23.58 -26.98 12.30
C PRO B 9 -22.75 -25.81 11.79
N SER B 10 -22.37 -24.91 12.70
CA SER B 10 -21.62 -23.73 12.30
C SER B 10 -20.25 -24.10 11.73
N SER B 11 -19.66 -25.20 12.19
CA SER B 11 -18.29 -25.53 11.85
C SER B 11 -18.11 -27.04 11.93
N LEU B 12 -17.14 -27.55 11.16
CA LEU B 12 -16.94 -28.98 11.04
C LEU B 12 -15.47 -29.28 10.79
N THR B 13 -14.90 -30.13 11.63
CA THR B 13 -13.51 -30.58 11.54
C THR B 13 -13.50 -31.91 10.82
N VAL B 14 -12.81 -31.97 9.68
CA VAL B 14 -12.92 -33.14 8.81
C VAL B 14 -11.55 -33.68 8.45
N THR B 15 -11.46 -35.01 8.38
CA THR B 15 -10.34 -35.75 7.82
C THR B 15 -10.62 -36.05 6.34
N ALA B 16 -9.54 -36.32 5.61
CA ALA B 16 -9.62 -36.52 4.18
C ALA B 16 -10.38 -37.80 3.84
N GLY B 17 -11.29 -37.70 2.88
CA GLY B 17 -12.11 -38.81 2.46
C GLY B 17 -13.43 -38.95 3.21
N GLU B 18 -13.57 -38.25 4.32
CA GLU B 18 -14.77 -38.28 5.13
C GLU B 18 -15.98 -37.79 4.35
N LYS B 19 -17.14 -38.32 4.67
CA LYS B 19 -18.38 -37.78 4.14
C LYS B 19 -18.81 -36.58 4.98
N VAL B 20 -19.41 -35.58 4.34
CA VAL B 20 -19.76 -34.32 4.98
C VAL B 20 -21.21 -33.99 4.69
N THR B 21 -21.97 -33.65 5.72
CA THR B 21 -23.39 -33.33 5.62
C THR B 21 -23.66 -31.96 6.22
N MET B 22 -24.26 -31.08 5.42
CA MET B 22 -24.57 -29.72 5.84
C MET B 22 -26.07 -29.46 5.72
N SER B 23 -26.59 -28.69 6.67
CA SER B 23 -28.02 -28.48 6.80
C SER B 23 -28.33 -27.00 6.58
N CYS B 24 -29.32 -26.73 5.75
CA CYS B 24 -29.85 -25.38 5.57
C CYS B 24 -31.35 -25.42 5.72
N LYS B 25 -31.87 -24.79 6.77
CA LYS B 25 -33.30 -24.78 7.05
C LYS B 25 -33.85 -23.38 6.84
N SER B 26 -34.95 -23.29 6.13
CA SER B 26 -35.59 -22.05 5.80
C SER B 26 -36.89 -21.91 6.59
N SER B 27 -37.12 -20.72 7.13
CA SER B 27 -38.34 -20.48 7.89
C SER B 27 -39.61 -20.49 7.01
N GLN B 28 -39.50 -20.12 5.74
CA GLN B 28 -40.62 -20.21 4.82
C GLN B 28 -40.22 -21.07 3.63
N SER B 29 -41.21 -21.57 2.90
CA SER B 29 -40.92 -22.36 1.72
C SER B 29 -40.19 -21.55 0.65
N LEU B 30 -39.23 -22.18 -0.01
CA LEU B 30 -38.54 -21.56 -1.14
C LEU B 30 -39.05 -22.14 -2.46
N LEU B 31 -40.27 -22.65 -2.48
CA LEU B 31 -40.86 -23.26 -3.67
C LEU B 31 -41.50 -22.18 -4.50
N ASN B 32 -40.89 -21.88 -5.64
CA ASN B 32 -41.37 -20.82 -6.52
C ASN B 32 -42.79 -21.05 -6.99
N SER B 33 -43.60 -19.98 -7.01
CA SER B 33 -45.00 -20.11 -7.45
C SER B 33 -45.10 -20.58 -8.89
N GLY B 34 -44.22 -20.09 -9.76
CA GLY B 34 -44.42 -20.30 -11.18
C GLY B 34 -43.91 -21.64 -11.67
N ASN B 35 -42.69 -22.02 -11.31
CA ASN B 35 -42.06 -23.20 -11.86
C ASN B 35 -41.93 -24.34 -10.84
N GLN B 36 -42.22 -24.07 -9.57
CA GLN B 36 -42.17 -25.10 -8.51
C GLN B 36 -40.78 -25.73 -8.40
N LYS B 37 -39.75 -24.95 -8.67
CA LYS B 37 -38.39 -25.30 -8.26
C LYS B 37 -38.10 -24.60 -6.95
N ASN B 38 -37.12 -25.11 -6.23
CA ASN B 38 -36.68 -24.46 -5.00
C ASN B 38 -35.67 -23.38 -5.36
N TYR B 39 -35.99 -22.11 -5.11
CA TYR B 39 -35.03 -21.05 -5.38
C TYR B 39 -34.07 -20.93 -4.18
N LEU B 40 -33.28 -21.98 -4.02
CA LEU B 40 -32.28 -22.11 -2.97
C LEU B 40 -30.94 -22.33 -3.65
N THR B 41 -29.98 -21.44 -3.39
CA THR B 41 -28.67 -21.50 -4.00
C THR B 41 -27.59 -21.72 -2.95
N TRP B 42 -26.65 -22.62 -3.24
CA TRP B 42 -25.53 -22.93 -2.36
C TRP B 42 -24.26 -22.29 -2.93
N TYR B 43 -23.46 -21.65 -2.06
CA TYR B 43 -22.19 -21.04 -2.44
C TYR B 43 -21.06 -21.68 -1.65
N GLN B 44 -19.88 -21.66 -2.25
CA GLN B 44 -18.63 -22.08 -1.60
C GLN B 44 -17.67 -20.89 -1.63
N GLN B 45 -17.13 -20.52 -0.46
CA GLN B 45 -16.28 -19.34 -0.33
C GLN B 45 -14.94 -19.73 0.27
N LYS B 46 -13.87 -19.52 -0.51
CA LYS B 46 -12.51 -19.58 -0.04
C LYS B 46 -12.07 -18.20 0.44
N PRO B 47 -11.11 -18.13 1.37
CA PRO B 47 -10.75 -16.84 1.96
C PRO B 47 -10.14 -15.89 0.94
N GLY B 48 -10.41 -14.60 1.12
CA GLY B 48 -9.99 -13.58 0.18
C GLY B 48 -10.70 -13.61 -1.17
N GLN B 49 -11.70 -14.46 -1.34
CA GLN B 49 -12.40 -14.66 -2.59
C GLN B 49 -13.87 -14.35 -2.42
N PRO B 50 -14.54 -13.93 -3.48
CA PRO B 50 -16.00 -13.85 -3.47
C PRO B 50 -16.60 -15.23 -3.26
N PRO B 51 -17.81 -15.33 -2.72
CA PRO B 51 -18.53 -16.61 -2.77
C PRO B 51 -18.65 -17.04 -4.22
N LYS B 52 -18.54 -18.34 -4.45
CA LYS B 52 -18.67 -18.90 -5.80
C LYS B 52 -19.89 -19.81 -5.86
N LEU B 53 -20.74 -19.61 -6.88
CA LEU B 53 -21.97 -20.36 -7.00
C LEU B 53 -21.68 -21.85 -7.22
N LEU B 54 -22.28 -22.70 -6.39
CA LEU B 54 -22.00 -24.13 -6.37
C LEU B 54 -23.18 -24.95 -6.88
N ILE B 55 -24.35 -24.80 -6.25
CA ILE B 55 -25.57 -25.48 -6.64
C ILE B 55 -26.68 -24.45 -6.76
N TYR B 56 -27.54 -24.59 -7.76
CA TYR B 56 -28.73 -23.76 -7.83
C TYR B 56 -29.97 -24.65 -8.02
N TRP B 57 -31.13 -24.02 -7.83
CA TRP B 57 -32.42 -24.71 -7.76
C TRP B 57 -32.34 -25.92 -6.82
N ALA B 58 -31.70 -25.73 -5.68
CA ALA B 58 -31.49 -26.74 -4.63
C ALA B 58 -30.61 -27.92 -5.06
N SER B 59 -30.66 -28.36 -6.32
CA SER B 59 -30.02 -29.61 -6.67
C SER B 59 -29.28 -29.63 -8.01
N THR B 60 -29.13 -28.52 -8.70
CA THR B 60 -28.45 -28.51 -10.00
C THR B 60 -27.02 -28.02 -9.80
N ARG B 61 -26.05 -28.90 -10.04
CA ARG B 61 -24.65 -28.50 -9.94
C ARG B 61 -24.27 -27.51 -11.03
N GLU B 62 -23.45 -26.54 -10.65
CA GLU B 62 -22.92 -25.56 -11.58
C GLU B 62 -21.70 -26.14 -12.30
N SER B 63 -21.40 -25.57 -13.47
CA SER B 63 -20.19 -25.91 -14.23
C SER B 63 -18.95 -26.03 -13.34
N GLY B 64 -18.15 -27.06 -13.62
CA GLY B 64 -16.92 -27.31 -12.91
C GLY B 64 -17.06 -27.98 -11.56
N VAL B 65 -18.27 -28.22 -11.08
CA VAL B 65 -18.50 -28.75 -9.73
C VAL B 65 -18.57 -30.28 -9.83
N PRO B 66 -17.66 -31.00 -9.18
CA PRO B 66 -17.64 -32.46 -9.31
C PRO B 66 -18.81 -33.11 -8.59
N ASP B 67 -19.11 -34.35 -9.00
CA ASP B 67 -20.30 -35.02 -8.47
C ASP B 67 -20.12 -35.47 -7.02
N ARG B 68 -18.95 -35.24 -6.42
CA ARG B 68 -18.81 -35.32 -4.96
C ARG B 68 -19.92 -34.55 -4.24
N PHE B 69 -20.39 -33.46 -4.85
CA PHE B 69 -21.35 -32.58 -4.24
C PHE B 69 -22.77 -32.97 -4.64
N THR B 70 -23.67 -32.98 -3.65
CA THR B 70 -25.08 -33.18 -3.92
C THR B 70 -25.87 -32.19 -3.07
N GLY B 71 -26.69 -31.36 -3.72
CA GLY B 71 -27.74 -30.65 -3.02
C GLY B 71 -29.04 -31.43 -3.12
N SER B 72 -29.82 -31.39 -2.02
CA SER B 72 -31.02 -32.19 -1.89
C SER B 72 -31.97 -31.52 -0.92
N GLY B 73 -33.20 -32.02 -0.87
CA GLY B 73 -34.21 -31.47 0.00
C GLY B 73 -35.13 -30.53 -0.75
N SER B 74 -36.26 -30.19 -0.12
CA SER B 74 -37.22 -29.34 -0.80
C SER B 74 -37.95 -28.46 0.20
N GLY B 75 -38.53 -27.38 -0.32
CA GLY B 75 -39.39 -26.49 0.43
C GLY B 75 -38.72 -25.70 1.55
N ARG B 76 -38.39 -26.40 2.65
CA ARG B 76 -37.83 -25.75 3.82
C ARG B 76 -36.61 -26.42 4.42
N ASP B 77 -36.26 -27.64 4.03
CA ASP B 77 -35.18 -28.39 4.65
C ASP B 77 -34.24 -28.88 3.55
N PHE B 78 -33.01 -28.35 3.52
CA PHE B 78 -32.10 -28.61 2.42
C PHE B 78 -30.77 -29.12 2.95
N THR B 79 -30.09 -29.90 2.12
CA THR B 79 -28.87 -30.55 2.55
C THR B 79 -27.82 -30.45 1.46
N LEU B 80 -26.60 -30.14 1.85
CA LEU B 80 -25.44 -30.23 0.97
C LEU B 80 -24.56 -31.36 1.48
N THR B 81 -24.23 -32.29 0.61
CA THR B 81 -23.52 -33.50 0.96
C THR B 81 -22.25 -33.56 0.12
N ILE B 82 -21.12 -33.76 0.78
CA ILE B 82 -19.87 -34.03 0.11
C ILE B 82 -19.51 -35.47 0.42
N SER B 83 -19.57 -36.33 -0.59
CA SER B 83 -19.38 -37.75 -0.31
C SER B 83 -17.98 -38.05 0.18
N SER B 84 -17.00 -37.25 -0.23
CA SER B 84 -15.61 -37.59 0.07
C SER B 84 -14.80 -36.29 0.00
N VAL B 85 -14.60 -35.66 1.16
CA VAL B 85 -14.08 -34.29 1.19
C VAL B 85 -12.62 -34.27 0.77
N GLN B 86 -12.26 -33.25 0.00
CA GLN B 86 -10.91 -33.07 -0.51
C GLN B 86 -10.41 -31.70 -0.08
N ALA B 87 -9.10 -31.53 -0.09
CA ALA B 87 -8.53 -30.27 0.37
C ALA B 87 -9.16 -29.08 -0.35
N GLU B 88 -9.35 -29.19 -1.66
CA GLU B 88 -9.92 -28.06 -2.38
C GLU B 88 -11.35 -27.76 -1.98
N ASP B 89 -12.00 -28.65 -1.21
CA ASP B 89 -13.35 -28.43 -0.69
C ASP B 89 -13.38 -27.66 0.63
N LEU B 90 -12.24 -27.45 1.29
CA LEU B 90 -12.21 -26.73 2.56
C LEU B 90 -12.56 -25.26 2.33
N ALA B 91 -13.68 -24.82 2.92
CA ALA B 91 -14.26 -23.52 2.63
C ALA B 91 -15.42 -23.26 3.57
N VAL B 92 -16.11 -22.13 3.42
CA VAL B 92 -17.37 -21.87 4.11
C VAL B 92 -18.47 -22.04 3.08
N TYR B 93 -19.53 -22.76 3.46
CA TYR B 93 -20.66 -23.00 2.58
C TYR B 93 -21.86 -22.19 3.08
N TYR B 94 -22.44 -21.40 2.18
CA TYR B 94 -23.61 -20.56 2.45
C TYR B 94 -24.78 -21.00 1.58
N CYS B 95 -25.98 -21.01 2.16
CA CYS B 95 -27.21 -21.12 1.38
C CYS B 95 -27.92 -19.77 1.32
N GLN B 96 -28.63 -19.56 0.22
CA GLN B 96 -29.30 -18.28 -0.04
C GLN B 96 -30.73 -18.53 -0.48
N ASN B 97 -31.68 -17.85 0.17
CA ASN B 97 -33.03 -17.67 -0.37
C ASN B 97 -32.94 -16.74 -1.57
N ASP B 98 -33.20 -17.28 -2.78
CA ASP B 98 -33.24 -16.48 -4.00
C ASP B 98 -34.65 -16.36 -4.56
N ASN B 99 -35.67 -16.58 -3.74
CA ASN B 99 -37.04 -16.66 -4.23
C ASN B 99 -37.84 -15.37 -3.99
N SER B 100 -37.72 -14.75 -2.83
CA SER B 100 -38.51 -13.55 -2.54
C SER B 100 -37.71 -12.54 -1.75
N HIS B 101 -37.97 -11.27 -2.03
CA HIS B 101 -37.33 -10.19 -1.32
C HIS B 101 -37.77 -10.16 0.15
N PRO B 102 -36.89 -9.74 1.06
CA PRO B 102 -35.47 -9.48 0.78
C PRO B 102 -34.70 -10.76 0.59
N LEU B 103 -33.74 -10.75 -0.33
CA LEU B 103 -32.84 -11.89 -0.45
C LEU B 103 -32.08 -12.06 0.84
N THR B 104 -31.94 -13.30 1.31
CA THR B 104 -31.25 -13.54 2.58
C THR B 104 -30.38 -14.78 2.51
N PHE B 105 -29.40 -14.83 3.41
CA PHE B 105 -28.36 -15.84 3.42
C PHE B 105 -28.32 -16.48 4.79
N GLY B 106 -27.94 -17.76 4.82
CA GLY B 106 -27.60 -18.42 6.05
C GLY B 106 -26.25 -17.95 6.56
N ALA B 107 -25.94 -18.32 7.79
CA ALA B 107 -24.73 -17.82 8.42
C ALA B 107 -23.50 -18.60 8.01
N GLY B 108 -23.67 -19.70 7.31
CA GLY B 108 -22.51 -20.38 6.78
C GLY B 108 -22.05 -21.54 7.62
N THR B 109 -21.64 -22.62 6.96
CA THR B 109 -21.05 -23.80 7.60
C THR B 109 -19.61 -23.93 7.14
N LYS B 110 -18.66 -23.84 8.08
CA LYS B 110 -17.25 -23.78 7.79
C LYS B 110 -16.60 -25.16 7.91
N LEU B 111 -15.95 -25.61 6.84
CA LEU B 111 -15.19 -26.87 6.83
C LEU B 111 -13.72 -26.60 7.12
N GLU B 112 -13.17 -27.31 8.09
CA GLU B 112 -11.78 -27.13 8.49
C GLU B 112 -11.11 -28.48 8.64
N LEU B 113 -9.85 -28.57 8.23
CA LEU B 113 -9.17 -29.84 8.31
C LEU B 113 -8.78 -30.14 9.75
N LYS B 114 -8.71 -31.43 10.06
CA LYS B 114 -8.32 -31.83 11.40
C LYS B 114 -6.85 -31.52 11.61
N ALA B 115 -6.53 -31.01 12.80
CA ALA B 115 -5.16 -30.64 13.10
C ALA B 115 -4.24 -31.84 12.89
N GLY B 116 -3.12 -31.60 12.20
CA GLY B 116 -2.13 -32.61 11.92
C GLY B 116 -2.42 -33.49 10.72
N SER B 117 -3.51 -33.24 10.00
CA SER B 117 -4.00 -34.14 8.97
C SER B 117 -3.59 -33.71 7.57
N ASP B 118 -2.81 -32.63 7.44
CA ASP B 118 -2.57 -32.00 6.14
C ASP B 118 -1.91 -32.95 5.17
N TYR B 119 -1.00 -33.80 5.66
CA TYR B 119 -0.27 -34.69 4.76
C TYR B 119 -1.23 -35.59 4.00
N GLU B 120 -2.25 -36.12 4.69
CA GLU B 120 -3.17 -37.05 4.05
C GLU B 120 -4.05 -36.32 3.04
N PHE B 121 -4.49 -35.10 3.37
CA PHE B 121 -5.24 -34.27 2.42
C PHE B 121 -4.42 -33.99 1.16
N LEU B 122 -3.11 -33.75 1.31
CA LEU B 122 -2.26 -33.30 0.23
C LEU B 122 -1.41 -34.40 -0.42
N LYS B 123 -1.64 -35.66 -0.05
CA LYS B 123 -0.72 -36.71 -0.47
C LYS B 123 -0.71 -36.92 -1.98
N SER B 124 -1.80 -36.57 -2.67
CA SER B 124 -1.84 -36.69 -4.13
C SER B 124 -1.49 -35.40 -4.84
N TRP B 125 -1.17 -34.34 -4.10
CA TRP B 125 -0.92 -33.06 -4.74
C TRP B 125 0.49 -33.04 -5.31
N THR B 126 0.61 -32.57 -6.55
CA THR B 126 1.93 -32.35 -7.13
C THR B 126 2.56 -31.09 -6.56
N VAL B 127 3.87 -30.92 -6.82
CA VAL B 127 4.57 -29.73 -6.37
C VAL B 127 3.97 -28.48 -7.00
N GLU B 128 3.52 -28.58 -8.25
CA GLU B 128 2.84 -27.45 -8.89
C GLU B 128 1.60 -27.06 -8.11
N ASP B 129 0.71 -28.03 -7.87
CA ASP B 129 -0.46 -27.80 -7.04
C ASP B 129 -0.07 -27.22 -5.69
N LEU B 130 1.02 -27.72 -5.10
CA LEU B 130 1.37 -27.29 -3.74
C LEU B 130 1.89 -25.86 -3.73
N GLN B 131 2.73 -25.50 -4.71
CA GLN B 131 3.19 -24.11 -4.81
C GLN B 131 2.02 -23.15 -4.95
N LYS B 132 1.04 -23.49 -5.82
CA LYS B 132 -0.13 -22.64 -5.99
C LYS B 132 -0.85 -22.42 -4.67
N ARG B 133 -1.01 -23.48 -3.88
CA ARG B 133 -1.65 -23.34 -2.58
C ARG B 133 -0.79 -22.54 -1.61
N LEU B 134 0.53 -22.59 -1.78
CA LEU B 134 1.41 -21.80 -0.93
C LEU B 134 1.37 -20.33 -1.31
N LEU B 135 1.23 -20.03 -2.59
CA LEU B 135 1.17 -18.64 -3.02
C LEU B 135 -0.18 -17.99 -2.73
N ALA B 136 -1.24 -18.81 -2.67
CA ALA B 136 -2.57 -18.27 -2.40
C ALA B 136 -2.68 -17.77 -0.98
N LEU B 137 -1.75 -18.16 -0.10
CA LEU B 137 -1.84 -17.76 1.28
C LEU B 137 -1.49 -16.29 1.45
N ASP B 138 -0.65 -15.75 0.55
CA ASP B 138 -0.17 -14.37 0.73
C ASP B 138 -1.28 -13.35 0.56
N PRO B 139 -2.14 -13.39 -0.46
CA PRO B 139 -3.23 -12.41 -0.50
C PRO B 139 -4.14 -12.46 0.73
N MET B 140 -4.45 -13.67 1.24
CA MET B 140 -5.28 -13.78 2.44
C MET B 140 -4.60 -13.14 3.65
N MET B 141 -3.31 -13.43 3.84
CA MET B 141 -2.58 -12.76 4.91
C MET B 141 -2.61 -11.25 4.74
N GLU B 142 -2.36 -10.78 3.51
CA GLU B 142 -2.29 -9.33 3.28
C GLU B 142 -3.63 -8.67 3.54
N GLN B 143 -4.72 -9.32 3.12
CA GLN B 143 -6.05 -8.78 3.38
C GLN B 143 -6.34 -8.72 4.87
N GLU B 144 -5.89 -9.73 5.63
CA GLU B 144 -6.13 -9.71 7.07
C GLU B 144 -5.32 -8.61 7.76
N ILE B 145 -4.07 -8.41 7.33
CA ILE B 145 -3.25 -7.36 7.91
C ILE B 145 -3.88 -6.00 7.66
N GLU B 146 -4.45 -5.80 6.47
CA GLU B 146 -4.97 -4.48 6.14
C GLU B 146 -6.21 -4.16 6.98
N GLU B 147 -6.98 -5.18 7.37
CA GLU B 147 -8.04 -4.95 8.34
C GLU B 147 -7.50 -4.42 9.65
N ILE B 148 -6.29 -4.84 10.04
CA ILE B 148 -5.69 -4.28 11.25
C ILE B 148 -5.35 -2.81 11.04
N ARG B 149 -4.56 -2.49 10.01
CA ARG B 149 -4.23 -1.10 9.72
C ARG B 149 -5.47 -0.22 9.76
N GLN B 150 -6.56 -0.69 9.15
CA GLN B 150 -7.76 0.11 9.10
C GLN B 150 -8.44 0.24 10.46
N LYS B 151 -8.50 -0.87 11.22
CA LYS B 151 -8.94 -0.83 12.59
C LYS B 151 -8.17 0.23 13.39
N TYR B 152 -6.85 0.25 13.28
CA TYR B 152 -6.10 1.18 14.12
C TYR B 152 -6.11 2.61 13.58
N GLN B 153 -6.30 2.81 12.27
CA GLN B 153 -6.58 4.16 11.80
C GLN B 153 -7.82 4.71 12.50
N CYS B 154 -8.88 3.91 12.60
CA CYS B 154 -10.07 4.34 13.32
C CYS B 154 -9.77 4.67 14.80
N LYS B 155 -9.01 3.82 15.47
CA LYS B 155 -8.73 4.08 16.88
C LYS B 155 -7.92 5.35 17.06
N ARG B 156 -7.10 5.73 16.06
CA ARG B 156 -6.24 6.88 16.23
C ARG B 156 -6.99 8.19 16.06
N GLN B 157 -8.01 8.23 15.19
CA GLN B 157 -8.59 9.50 14.79
C GLN B 157 -9.12 10.32 15.96
N PRO B 158 -9.95 9.78 16.88
CA PRO B 158 -10.40 10.60 18.01
C PRO B 158 -9.28 11.20 18.83
N ILE B 159 -8.25 10.42 19.14
CA ILE B 159 -7.12 10.94 19.87
C ILE B 159 -6.48 12.07 19.07
N LEU B 160 -6.27 11.85 17.78
CA LEU B 160 -5.75 12.91 16.91
C LEU B 160 -6.69 14.10 16.88
N ASP B 161 -8.00 13.85 16.80
CA ASP B 161 -8.97 14.95 16.79
C ASP B 161 -8.87 15.76 18.09
N ALA B 162 -8.81 15.07 19.24
CA ALA B 162 -8.66 15.78 20.52
C ALA B 162 -7.36 16.59 20.57
N ILE B 163 -6.25 16.00 20.10
CA ILE B 163 -4.95 16.69 20.14
C ILE B 163 -4.99 17.95 19.27
N GLU B 164 -5.65 17.88 18.12
CA GLU B 164 -5.71 19.04 17.25
C GLU B 164 -6.69 20.08 17.77
N ALA B 165 -7.61 19.71 18.65
CA ALA B 165 -8.54 20.66 19.24
C ALA B 165 -7.88 21.59 20.25
N LYS B 166 -6.58 21.42 20.50
CA LYS B 166 -5.86 22.24 21.48
C LYS B 166 -5.06 23.38 20.84
N PRO C 2 -35.50 -0.83 -23.78
CA PRO C 2 -36.69 -0.04 -24.09
C PRO C 2 -37.90 -0.49 -23.28
N TYR C 3 -37.75 -1.68 -22.72
CA TYR C 3 -38.85 -2.46 -22.15
C TYR C 3 -38.25 -3.14 -20.91
N ASP C 4 -38.34 -2.48 -19.78
CA ASP C 4 -37.64 -2.95 -18.59
C ASP C 4 -38.34 -4.17 -18.02
N VAL C 5 -37.61 -4.90 -17.18
CA VAL C 5 -38.09 -6.14 -16.55
C VAL C 5 -37.82 -6.04 -15.05
N PRO C 6 -38.82 -6.25 -14.20
CA PRO C 6 -38.57 -6.22 -12.75
C PRO C 6 -37.76 -7.44 -12.33
N ASP C 7 -37.34 -7.43 -11.07
CA ASP C 7 -36.59 -8.56 -10.55
C ASP C 7 -37.53 -9.72 -10.27
N TYR C 8 -37.00 -10.93 -10.39
CA TYR C 8 -37.85 -12.09 -10.23
C TYR C 8 -38.14 -12.44 -8.78
N ALA C 9 -37.43 -11.85 -7.82
CA ALA C 9 -37.73 -12.11 -6.42
C ALA C 9 -38.60 -11.01 -5.79
N GLU D 2 11.84 8.40 19.38
CA GLU D 2 12.31 9.16 18.23
C GLU D 2 13.41 8.43 17.46
N VAL D 3 13.07 8.04 16.23
CA VAL D 3 13.96 7.25 15.38
C VAL D 3 15.13 8.12 14.92
N LYS D 4 16.33 7.55 14.94
CA LYS D 4 17.55 8.25 14.58
C LYS D 4 18.43 7.29 13.77
N LEU D 5 18.98 7.79 12.66
CA LEU D 5 19.84 6.98 11.81
C LEU D 5 21.09 7.79 11.47
N VAL D 6 22.27 7.23 11.76
CA VAL D 6 23.54 7.92 11.50
C VAL D 6 24.42 7.08 10.59
N GLU D 7 24.58 7.53 9.35
CA GLU D 7 25.52 6.93 8.41
C GLU D 7 26.92 7.45 8.65
N SER D 8 27.89 6.54 8.56
CA SER D 8 29.30 6.90 8.57
C SER D 8 30.04 5.99 7.60
N GLY D 9 31.20 6.43 7.15
CA GLY D 9 32.04 5.61 6.31
C GLY D 9 32.30 6.18 4.93
N GLY D 10 31.65 7.28 4.55
CA GLY D 10 31.93 7.87 3.26
C GLY D 10 33.35 8.38 3.17
N ASP D 11 33.90 8.34 1.96
CA ASP D 11 35.30 8.65 1.70
C ASP D 11 35.51 8.81 0.20
N LEU D 12 36.68 9.33 -0.17
CA LEU D 12 37.16 9.20 -1.54
C LEU D 12 37.65 7.79 -1.80
N VAL D 13 37.52 7.37 -3.05
CA VAL D 13 37.90 6.01 -3.42
C VAL D 13 38.17 5.99 -4.91
N LYS D 14 39.03 5.06 -5.34
CA LYS D 14 39.45 4.98 -6.73
C LYS D 14 38.57 4.01 -7.51
N PRO D 15 38.42 4.22 -8.81
CA PRO D 15 37.65 3.26 -9.62
C PRO D 15 38.19 1.85 -9.47
N GLY D 16 37.28 0.92 -9.20
CA GLY D 16 37.68 -0.45 -8.91
C GLY D 16 38.04 -0.70 -7.46
N GLY D 17 37.88 0.28 -6.58
CA GLY D 17 38.18 0.09 -5.18
C GLY D 17 36.98 -0.41 -4.39
N SER D 18 37.17 -0.50 -3.08
CA SER D 18 36.14 -0.95 -2.17
C SER D 18 35.93 0.08 -1.05
N LEU D 19 34.79 -0.02 -0.39
CA LEU D 19 34.40 0.90 0.68
C LEU D 19 33.21 0.30 1.40
N LYS D 20 33.18 0.44 2.73
CA LYS D 20 32.11 -0.13 3.55
C LYS D 20 31.45 0.95 4.38
N LEU D 21 30.17 1.19 4.12
CA LEU D 21 29.40 2.16 4.89
C LEU D 21 28.69 1.49 6.06
N SER D 22 28.46 2.26 7.12
CA SER D 22 27.72 1.80 8.28
C SER D 22 26.58 2.76 8.60
N CYS D 23 25.62 2.26 9.37
CA CYS D 23 24.50 3.07 9.83
C CYS D 23 24.11 2.62 11.22
N ALA D 24 24.17 3.54 12.17
CA ALA D 24 23.81 3.31 13.57
C ALA D 24 22.35 3.66 13.77
N ALA D 25 21.56 2.69 14.19
CA ALA D 25 20.12 2.87 14.37
C ALA D 25 19.81 3.02 15.85
N SER D 26 18.88 3.91 16.18
CA SER D 26 18.30 3.89 17.50
C SER D 26 16.95 4.56 17.46
N GLY D 27 16.27 4.55 18.60
CA GLY D 27 14.92 5.07 18.69
C GLY D 27 13.84 4.06 18.40
N PHE D 28 14.20 2.83 18.04
CA PHE D 28 13.20 1.83 17.68
C PHE D 28 13.81 0.44 17.83
N THR D 29 12.94 -0.55 17.87
CA THR D 29 13.42 -1.93 17.93
C THR D 29 13.94 -2.32 16.56
N PHE D 30 15.26 -2.22 16.40
CA PHE D 30 15.93 -2.43 15.11
C PHE D 30 15.49 -3.75 14.49
N SER D 31 15.53 -4.84 15.25
CA SER D 31 15.33 -6.18 14.73
C SER D 31 13.91 -6.45 14.25
N SER D 32 12.97 -5.52 14.38
CA SER D 32 11.64 -5.70 13.81
C SER D 32 11.45 -5.01 12.46
N TYR D 33 12.50 -4.37 11.91
CA TYR D 33 12.35 -3.56 10.69
C TYR D 33 13.39 -3.94 9.65
N GLY D 34 12.94 -4.02 8.41
CA GLY D 34 13.88 -3.98 7.31
C GLY D 34 14.62 -2.64 7.24
N MET D 35 15.67 -2.62 6.39
CA MET D 35 16.48 -1.42 6.18
C MET D 35 16.81 -1.28 4.70
N SER D 36 17.15 -0.07 4.29
CA SER D 36 17.46 0.20 2.89
C SER D 36 18.52 1.29 2.79
N TRP D 37 19.32 1.22 1.74
CA TRP D 37 20.23 2.29 1.34
C TRP D 37 19.69 2.93 0.08
N VAL D 38 19.68 4.26 0.06
CA VAL D 38 19.22 5.04 -1.08
C VAL D 38 20.26 6.11 -1.35
N ARG D 39 20.72 6.23 -2.60
CA ARG D 39 21.73 7.23 -2.91
C ARG D 39 21.16 8.34 -3.78
N GLN D 40 21.79 9.51 -3.67
CA GLN D 40 21.42 10.68 -4.46
C GLN D 40 22.65 11.14 -5.24
N THR D 41 22.56 11.08 -6.56
CA THR D 41 23.71 11.33 -7.43
C THR D 41 23.95 12.82 -7.58
N PRO D 42 25.12 13.21 -8.11
CA PRO D 42 25.32 14.63 -8.43
C PRO D 42 24.23 15.21 -9.32
N ASP D 43 23.61 14.38 -10.15
CA ASP D 43 22.46 14.76 -10.98
C ASP D 43 21.23 15.11 -10.17
N LYS D 44 21.29 14.86 -8.85
CA LYS D 44 20.19 14.99 -7.89
C LYS D 44 19.18 13.86 -8.01
N ARG D 45 19.41 12.92 -8.94
CA ARG D 45 18.56 11.75 -9.04
C ARG D 45 18.71 10.87 -7.80
N LEU D 46 17.59 10.41 -7.28
CA LEU D 46 17.58 9.43 -6.20
C LEU D 46 17.56 8.03 -6.81
N GLU D 47 18.39 7.14 -6.29
CA GLU D 47 18.44 5.77 -6.78
C GLU D 47 18.44 4.84 -5.59
N TRP D 48 17.45 3.96 -5.54
CA TRP D 48 17.44 2.87 -4.56
C TRP D 48 18.60 1.92 -4.83
N VAL D 49 19.24 1.46 -3.75
CA VAL D 49 20.51 0.76 -3.87
C VAL D 49 20.46 -0.64 -3.25
N ALA D 50 19.74 -0.81 -2.15
CA ALA D 50 19.69 -2.13 -1.51
C ALA D 50 18.58 -2.16 -0.48
N THR D 51 18.08 -3.37 -0.22
CA THR D 51 17.07 -3.56 0.81
C THR D 51 17.32 -4.90 1.48
N ILE D 52 17.31 -4.88 2.80
CA ILE D 52 17.43 -6.09 3.58
C ILE D 52 16.15 -6.26 4.37
N SER D 53 15.82 -7.51 4.69
CA SER D 53 14.70 -7.81 5.57
C SER D 53 15.12 -7.73 7.04
N ARG D 54 14.11 -7.73 7.92
CA ARG D 54 14.39 -7.53 9.34
C ARG D 54 15.38 -8.56 9.85
N GLY D 55 15.23 -9.82 9.45
CA GLY D 55 16.14 -10.87 9.90
C GLY D 55 17.43 -10.99 9.09
N GLY D 56 17.49 -10.39 7.91
CA GLY D 56 18.68 -10.49 7.10
C GLY D 56 18.74 -11.68 6.18
N SER D 57 17.75 -12.54 6.16
CA SER D 57 17.80 -13.65 5.24
C SER D 57 17.34 -13.27 3.85
N TYR D 58 16.79 -12.07 3.67
CA TYR D 58 16.33 -11.59 2.37
C TYR D 58 17.06 -10.31 1.98
N THR D 59 17.67 -10.30 0.79
CA THR D 59 18.35 -9.11 0.27
C THR D 59 17.93 -8.85 -1.17
N TYR D 60 17.85 -7.57 -1.52
CA TYR D 60 17.36 -7.10 -2.81
C TYR D 60 18.27 -5.99 -3.33
N TYR D 61 18.42 -5.91 -4.65
CA TYR D 61 19.35 -4.95 -5.27
C TYR D 61 18.85 -4.61 -6.66
N PRO D 62 19.10 -3.39 -7.15
CA PRO D 62 18.88 -3.11 -8.57
C PRO D 62 20.01 -3.68 -9.40
N ASP D 63 19.75 -3.78 -10.70
CA ASP D 63 20.75 -4.34 -11.61
C ASP D 63 22.07 -3.54 -11.62
N SER D 64 22.00 -2.23 -11.37
CA SER D 64 23.20 -1.40 -11.55
C SER D 64 24.28 -1.74 -10.54
N VAL D 65 23.91 -2.22 -9.35
CA VAL D 65 24.87 -2.55 -8.32
C VAL D 65 24.86 -4.02 -7.94
N LYS D 66 24.00 -4.84 -8.57
CA LYS D 66 23.95 -6.24 -8.20
C LYS D 66 25.28 -6.93 -8.52
N GLY D 67 25.85 -7.57 -7.51
CA GLY D 67 27.09 -8.29 -7.66
C GLY D 67 28.32 -7.52 -7.24
N ARG D 68 28.16 -6.25 -6.89
CA ARG D 68 29.22 -5.39 -6.41
C ARG D 68 28.96 -4.88 -5.01
N PHE D 69 27.69 -4.60 -4.68
CA PHE D 69 27.28 -4.14 -3.39
C PHE D 69 26.65 -5.30 -2.63
N THR D 70 26.82 -5.32 -1.32
CA THR D 70 26.20 -6.34 -0.49
C THR D 70 25.76 -5.70 0.80
N ILE D 71 24.48 -5.82 1.13
CA ILE D 71 23.91 -5.20 2.31
C ILE D 71 23.84 -6.24 3.42
N SER D 72 24.12 -5.82 4.64
CA SER D 72 24.17 -6.72 5.79
C SER D 72 23.81 -5.92 7.04
N ARG D 73 23.48 -6.64 8.10
CA ARG D 73 23.05 -6.01 9.34
C ARG D 73 23.54 -6.83 10.52
N ASP D 74 23.73 -6.16 11.64
CA ASP D 74 24.06 -6.81 12.91
C ASP D 74 23.00 -6.34 13.90
N ASN D 75 22.02 -7.19 14.19
CA ASN D 75 20.94 -6.75 15.06
C ASN D 75 21.39 -6.66 16.51
N ALA D 76 22.44 -7.38 16.90
CA ALA D 76 23.00 -7.18 18.24
C ALA D 76 23.65 -5.80 18.37
N LYS D 77 24.22 -5.27 17.29
CA LYS D 77 24.90 -3.99 17.29
C LYS D 77 24.06 -2.86 16.73
N ASN D 78 22.76 -3.08 16.49
CA ASN D 78 21.86 -2.06 15.93
C ASN D 78 22.48 -1.34 14.73
N THR D 79 23.21 -2.07 13.89
CA THR D 79 23.98 -1.46 12.81
C THR D 79 23.67 -2.11 11.48
N LEU D 80 23.60 -1.28 10.44
CA LEU D 80 23.36 -1.71 9.07
C LEU D 80 24.59 -1.36 8.22
N TYR D 81 24.99 -2.29 7.35
CA TYR D 81 26.21 -2.12 6.58
C TYR D 81 25.92 -2.15 5.09
N LEU D 82 26.72 -1.39 4.32
CA LEU D 82 26.74 -1.53 2.87
C LEU D 82 28.18 -1.71 2.42
N GLN D 83 28.50 -2.88 1.87
CA GLN D 83 29.84 -3.15 1.34
C GLN D 83 29.82 -2.91 -0.15
N MET D 84 30.76 -2.08 -0.64
CA MET D 84 30.86 -1.71 -2.04
C MET D 84 32.18 -2.20 -2.62
N SER D 85 32.14 -2.74 -3.84
CA SER D 85 33.35 -3.12 -4.56
C SER D 85 33.20 -2.83 -6.05
N SER D 86 34.32 -2.88 -6.76
CA SER D 86 34.37 -2.51 -8.18
C SER D 86 33.66 -1.17 -8.39
N LEU D 87 34.09 -0.17 -7.63
CA LEU D 87 33.43 1.12 -7.66
C LEU D 87 33.66 1.83 -8.99
N LYS D 88 32.59 2.42 -9.52
CA LYS D 88 32.67 3.20 -10.75
C LYS D 88 32.30 4.65 -10.50
N SER D 89 32.55 5.48 -11.52
CA SER D 89 32.08 6.85 -11.52
C SER D 89 30.59 6.94 -11.22
N GLU D 90 29.81 6.00 -11.79
CA GLU D 90 28.37 5.92 -11.59
C GLU D 90 27.97 5.88 -10.11
N ASP D 91 28.88 5.48 -9.21
CA ASP D 91 28.54 5.29 -7.80
C ASP D 91 28.77 6.52 -6.94
N THR D 92 29.36 7.57 -7.49
CA THR D 92 29.53 8.81 -6.75
C THR D 92 28.16 9.36 -6.38
N ALA D 93 27.92 9.52 -5.08
CA ALA D 93 26.63 9.99 -4.61
C ALA D 93 26.71 10.20 -3.10
N MET D 94 25.68 10.85 -2.57
CA MET D 94 25.40 10.85 -1.14
C MET D 94 24.57 9.61 -0.84
N TYR D 95 24.98 8.85 0.16
CA TYR D 95 24.32 7.59 0.49
C TYR D 95 23.49 7.74 1.75
N TYR D 96 22.22 7.33 1.66
CA TYR D 96 21.28 7.48 2.76
C TYR D 96 20.92 6.11 3.33
N CYS D 97 21.06 5.99 4.63
CA CYS D 97 20.43 4.91 5.36
C CYS D 97 18.94 5.21 5.54
N ALA D 98 18.09 4.22 5.33
CA ALA D 98 16.67 4.47 5.54
C ALA D 98 15.99 3.20 6.04
N ARG D 99 15.09 3.38 7.01
CA ARG D 99 14.35 2.28 7.58
C ARG D 99 13.22 1.85 6.66
N ARG D 100 13.01 0.55 6.55
CA ARG D 100 11.91 0.00 5.77
C ARG D 100 10.72 -0.20 6.69
N GLU D 101 9.55 0.29 6.28
CA GLU D 101 8.36 0.29 7.15
C GLU D 101 7.67 -1.07 7.12
N THR D 102 8.22 -1.99 7.91
CA THR D 102 7.78 -3.37 7.86
C THR D 102 6.34 -3.54 8.33
N TYR D 103 5.77 -2.57 9.05
CA TYR D 103 4.37 -2.60 9.43
C TYR D 103 3.50 -1.71 8.56
N ASP D 104 3.90 -0.48 8.29
CA ASP D 104 3.03 0.44 7.56
C ASP D 104 3.14 0.32 6.04
N GLU D 105 4.27 -0.18 5.54
CA GLU D 105 4.52 -0.28 4.11
C GLU D 105 4.16 1.02 3.39
N LYS D 106 4.82 2.11 3.79
CA LYS D 106 4.43 3.39 3.23
C LYS D 106 5.57 4.13 2.54
N GLY D 107 6.69 3.47 2.31
CA GLY D 107 7.88 4.12 1.80
C GLY D 107 8.88 4.44 2.88
N PHE D 108 9.68 5.50 2.65
CA PHE D 108 10.77 5.85 3.54
C PHE D 108 10.39 7.07 4.36
N ALA D 109 9.93 6.81 5.60
CA ALA D 109 9.61 7.89 6.51
C ALA D 109 10.81 8.39 7.30
N TYR D 110 11.83 7.55 7.47
CA TYR D 110 12.99 7.87 8.30
C TYR D 110 14.28 7.68 7.53
N TRP D 111 15.07 8.76 7.45
CA TRP D 111 16.35 8.78 6.76
C TRP D 111 17.43 9.32 7.69
N GLY D 112 18.68 8.96 7.40
CA GLY D 112 19.82 9.63 8.01
C GLY D 112 20.17 10.90 7.26
N GLN D 113 21.23 11.56 7.73
CA GLN D 113 21.67 12.80 7.09
C GLN D 113 22.61 12.56 5.92
N GLY D 114 23.04 11.33 5.71
CA GLY D 114 23.80 10.98 4.54
C GLY D 114 25.29 10.90 4.83
N THR D 115 25.97 10.09 4.05
CA THR D 115 27.42 10.06 4.06
C THR D 115 27.88 10.06 2.62
N THR D 116 28.83 10.94 2.30
CA THR D 116 29.26 11.18 0.92
C THR D 116 30.32 10.18 0.49
N VAL D 117 30.15 9.65 -0.72
CA VAL D 117 31.15 8.78 -1.32
C VAL D 117 31.53 9.38 -2.68
N THR D 118 32.81 9.67 -2.86
CA THR D 118 33.31 10.28 -4.09
C THR D 118 34.30 9.32 -4.74
N VAL D 119 34.02 8.94 -5.98
CA VAL D 119 34.94 8.13 -6.79
C VAL D 119 35.72 9.08 -7.69
N CYS D 120 36.97 9.36 -7.33
CA CYS D 120 37.74 10.42 -8.00
C CYS D 120 38.34 9.90 -9.30
N SER D 121 37.98 10.54 -10.41
CA SER D 121 38.43 10.10 -11.73
C SER D 121 39.09 11.25 -12.49
N PHE D 127 50.82 10.37 -15.09
CA PHE D 127 51.52 11.55 -15.61
C PHE D 127 52.24 12.29 -14.49
N LEU D 128 51.58 12.41 -13.34
CA LEU D 128 52.24 13.03 -12.21
C LEU D 128 53.47 12.24 -11.77
N LYS D 129 53.54 10.94 -12.11
CA LYS D 129 54.61 10.08 -11.63
C LYS D 129 55.98 10.54 -12.09
N SER D 130 56.05 11.24 -13.22
CA SER D 130 57.33 11.64 -13.79
C SER D 130 57.87 12.93 -13.19
N TRP D 131 57.19 13.52 -12.23
CA TRP D 131 57.63 14.80 -11.66
C TRP D 131 58.61 14.57 -10.51
N THR D 132 59.34 15.63 -10.18
CA THR D 132 60.09 15.67 -8.93
C THR D 132 59.14 15.74 -7.73
N VAL D 133 59.67 15.43 -6.56
CA VAL D 133 58.89 15.65 -5.35
C VAL D 133 58.75 17.15 -5.09
N GLU D 134 59.76 17.93 -5.49
CA GLU D 134 59.70 19.39 -5.28
C GLU D 134 58.61 20.01 -6.15
N ASP D 135 58.48 19.58 -7.40
CA ASP D 135 57.41 20.08 -8.24
C ASP D 135 56.05 19.67 -7.67
N LEU D 136 55.93 18.40 -7.25
CA LEU D 136 54.69 17.92 -6.65
C LEU D 136 54.35 18.68 -5.38
N GLN D 137 55.35 18.97 -4.55
CA GLN D 137 55.06 19.73 -3.34
C GLN D 137 54.52 21.10 -3.69
N LYS D 138 55.08 21.75 -4.72
CA LYS D 138 54.56 23.04 -5.14
C LYS D 138 53.12 22.94 -5.62
N ARG D 139 52.82 21.92 -6.44
CA ARG D 139 51.47 21.81 -6.98
C ARG D 139 50.45 21.60 -5.88
N LEU D 140 50.86 20.90 -4.81
CA LEU D 140 50.00 20.75 -3.64
C LEU D 140 49.60 22.11 -3.07
N LEU D 141 50.58 22.99 -2.84
CA LEU D 141 50.29 24.25 -2.16
C LEU D 141 49.43 25.17 -3.01
N ALA D 142 49.50 25.02 -4.34
CA ALA D 142 48.72 25.87 -5.23
C ALA D 142 47.22 25.57 -5.17
N LEU D 143 46.82 24.40 -4.65
CA LEU D 143 45.41 24.01 -4.65
C LEU D 143 44.56 24.97 -3.82
N ASP D 144 44.88 25.11 -2.53
CA ASP D 144 44.06 25.90 -1.62
C ASP D 144 43.71 27.31 -2.11
N PRO D 145 44.67 28.16 -2.54
CA PRO D 145 44.26 29.51 -2.99
C PRO D 145 43.27 29.48 -4.13
N MET D 146 43.39 28.54 -5.05
CA MET D 146 42.40 28.50 -6.12
C MET D 146 41.09 27.89 -5.63
N MET D 147 41.15 27.01 -4.61
CA MET D 147 39.90 26.46 -4.10
C MET D 147 39.08 27.55 -3.43
N GLU D 148 39.74 28.42 -2.66
CA GLU D 148 39.05 29.51 -1.99
C GLU D 148 38.54 30.54 -2.99
N GLN D 149 39.23 30.72 -4.11
CA GLN D 149 38.73 31.68 -5.08
C GLN D 149 37.50 31.14 -5.81
N GLU D 150 37.45 29.84 -6.07
CA GLU D 150 36.22 29.27 -6.60
C GLU D 150 35.08 29.41 -5.59
N ILE D 151 35.37 29.17 -4.30
CA ILE D 151 34.39 29.38 -3.23
C ILE D 151 33.93 30.82 -3.21
N GLU D 152 34.85 31.76 -3.42
CA GLU D 152 34.48 33.16 -3.41
C GLU D 152 33.54 33.52 -4.56
N GLU D 153 33.74 32.95 -5.75
CA GLU D 153 32.81 33.30 -6.82
C GLU D 153 31.39 32.85 -6.49
N ILE D 154 31.21 31.75 -5.74
CA ILE D 154 29.88 31.36 -5.33
C ILE D 154 29.32 32.32 -4.27
N ARG D 155 30.18 32.81 -3.38
CA ARG D 155 29.74 33.86 -2.46
C ARG D 155 29.24 35.09 -3.24
N GLN D 156 29.93 35.47 -4.32
CA GLN D 156 29.46 36.60 -5.13
C GLN D 156 28.13 36.29 -5.81
N LYS D 157 28.01 35.10 -6.39
CA LYS D 157 26.74 34.68 -6.99
C LYS D 157 25.59 34.78 -5.99
N TYR D 158 25.86 34.45 -4.73
CA TYR D 158 24.80 34.52 -3.73
C TYR D 158 24.57 35.93 -3.22
N GLN D 159 25.54 36.84 -3.34
CA GLN D 159 25.22 38.25 -3.11
C GLN D 159 24.11 38.71 -4.07
N SER D 160 24.13 38.24 -5.32
CA SER D 160 23.10 38.59 -6.29
C SER D 160 21.78 37.93 -5.95
N LYS D 161 21.80 36.68 -5.48
CA LYS D 161 20.54 36.07 -5.06
C LYS D 161 19.97 36.80 -3.85
N ARG D 162 20.83 37.34 -2.99
CA ARG D 162 20.38 38.06 -1.79
C ARG D 162 19.75 39.41 -2.11
N GLN D 163 20.23 40.11 -3.13
CA GLN D 163 19.90 41.52 -3.31
C GLN D 163 18.41 41.77 -3.50
N PRO D 164 17.65 41.04 -4.33
CA PRO D 164 16.20 41.28 -4.40
C PRO D 164 15.51 41.15 -3.07
N ILE D 165 15.91 40.18 -2.25
CA ILE D 165 15.31 40.07 -0.92
C ILE D 165 15.71 41.28 -0.08
N LEU D 166 16.98 41.67 -0.14
CA LEU D 166 17.43 42.82 0.63
C LEU D 166 16.66 44.09 0.25
N ASP D 167 16.53 44.36 -1.05
CA ASP D 167 15.82 45.57 -1.47
C ASP D 167 14.37 45.55 -1.03
N ALA D 168 13.72 44.38 -1.02
CA ALA D 168 12.35 44.29 -0.55
C ALA D 168 12.25 44.49 0.95
N ILE D 169 13.25 44.03 1.70
CA ILE D 169 13.21 44.26 3.14
C ILE D 169 13.42 45.75 3.41
N GLU D 170 14.23 46.41 2.60
CA GLU D 170 14.49 47.83 2.79
C GLU D 170 13.24 48.67 2.58
N ALA D 171 12.34 48.24 1.69
CA ALA D 171 11.09 48.98 1.44
C ALA D 171 9.89 48.33 2.13
N ASP E 2 12.92 -1.13 -13.92
CA ASP E 2 11.88 -1.48 -14.88
C ASP E 2 10.72 -0.47 -14.99
N ILE E 3 10.17 -0.05 -13.86
CA ILE E 3 9.07 0.91 -13.83
C ILE E 3 9.64 2.32 -13.86
N GLU E 4 9.29 3.08 -14.91
CA GLU E 4 9.73 4.46 -15.04
C GLU E 4 8.65 5.41 -14.53
N LEU E 5 9.07 6.38 -13.74
CA LEU E 5 8.20 7.43 -13.24
C LEU E 5 8.56 8.72 -13.93
N THR E 6 7.57 9.38 -14.52
CA THR E 6 7.79 10.58 -15.31
C THR E 6 7.12 11.79 -14.66
N GLN E 7 7.92 12.75 -14.25
CA GLN E 7 7.42 13.94 -13.57
C GLN E 7 7.57 15.15 -14.48
N SER E 8 6.46 15.62 -15.02
CA SER E 8 6.44 16.81 -15.85
C SER E 8 5.58 17.89 -15.21
N PRO E 9 5.97 19.16 -15.37
CA PRO E 9 7.31 19.54 -15.84
C PRO E 9 8.37 19.27 -14.78
N SER E 10 9.64 19.43 -15.16
CA SER E 10 10.72 19.27 -14.20
C SER E 10 10.85 20.45 -13.25
N SER E 11 10.51 21.64 -13.70
CA SER E 11 10.52 22.81 -12.84
C SER E 11 9.21 23.55 -13.01
N LEU E 12 8.96 24.49 -12.12
CA LEU E 12 7.66 25.13 -12.08
C LEU E 12 7.79 26.49 -11.41
N THR E 13 7.40 27.53 -12.13
CA THR E 13 7.45 28.89 -11.63
C THR E 13 6.11 29.23 -10.98
N VAL E 14 6.16 29.70 -9.74
CA VAL E 14 4.97 29.91 -8.94
C VAL E 14 4.98 31.31 -8.34
N THR E 15 3.81 31.70 -7.87
CA THR E 15 3.59 32.91 -7.08
C THR E 15 2.96 32.49 -5.76
N ALA E 16 3.40 33.09 -4.65
CA ALA E 16 2.80 32.77 -3.37
C ALA E 16 1.28 32.97 -3.44
N GLY E 17 0.55 32.04 -2.83
CA GLY E 17 -0.89 32.04 -2.87
C GLY E 17 -1.51 31.18 -3.95
N GLU E 18 -0.75 30.85 -5.00
CA GLU E 18 -1.25 30.12 -6.15
C GLU E 18 -1.51 28.65 -5.84
N LYS E 19 -2.42 28.07 -6.60
CA LYS E 19 -2.60 26.62 -6.67
C LYS E 19 -1.60 26.03 -7.65
N VAL E 20 -1.06 24.86 -7.32
CA VAL E 20 -0.04 24.21 -8.14
C VAL E 20 -0.36 22.73 -8.28
N THR E 21 -0.07 22.18 -9.45
CA THR E 21 -0.31 20.77 -9.74
C THR E 21 0.99 20.15 -10.26
N MET E 22 1.38 19.03 -9.66
CA MET E 22 2.53 18.27 -10.10
C MET E 22 2.07 16.88 -10.52
N SER E 23 2.56 16.42 -11.66
CA SER E 23 2.12 15.19 -12.26
C SER E 23 3.19 14.12 -12.10
N CYS E 24 2.79 12.91 -11.72
CA CYS E 24 3.65 11.74 -11.74
C CYS E 24 2.93 10.66 -12.52
N LYS E 25 3.55 10.20 -13.60
CA LYS E 25 2.99 9.13 -14.42
C LYS E 25 3.92 7.94 -14.44
N SER E 26 3.32 6.76 -14.43
CA SER E 26 4.01 5.51 -14.16
C SER E 26 3.92 4.59 -15.36
N SER E 27 5.00 3.88 -15.65
CA SER E 27 5.01 3.01 -16.82
C SER E 27 4.16 1.77 -16.58
N GLN E 28 3.95 1.40 -15.31
CA GLN E 28 3.22 0.19 -14.94
C GLN E 28 2.30 0.50 -13.76
N SER E 29 1.36 -0.40 -13.53
CA SER E 29 0.50 -0.29 -12.36
C SER E 29 1.36 -0.30 -11.10
N LEU E 30 0.89 0.42 -10.08
CA LEU E 30 1.52 0.40 -8.76
C LEU E 30 0.58 -0.13 -7.71
N LEU E 31 -0.49 -0.79 -8.14
CA LEU E 31 -1.50 -1.32 -7.23
C LEU E 31 -0.99 -2.55 -6.51
N ASN E 32 -0.92 -2.48 -5.17
CA ASN E 32 -0.71 -3.65 -4.33
C ASN E 32 -1.95 -4.55 -4.40
N SER E 33 -1.83 -5.72 -5.04
CA SER E 33 -2.98 -6.60 -5.18
C SER E 33 -3.52 -7.09 -3.84
N GLY E 34 -2.70 -7.11 -2.80
CA GLY E 34 -3.11 -7.70 -1.54
C GLY E 34 -4.04 -6.81 -0.74
N ASN E 35 -3.88 -5.48 -0.83
CA ASN E 35 -4.72 -4.58 -0.05
C ASN E 35 -5.44 -3.53 -0.88
N GLN E 36 -5.26 -3.52 -2.21
CA GLN E 36 -5.94 -2.59 -3.10
C GLN E 36 -5.47 -1.15 -2.95
N LYS E 37 -4.28 -0.92 -2.40
CA LYS E 37 -3.75 0.43 -2.29
C LYS E 37 -2.61 0.59 -3.30
N ASN E 38 -2.38 1.83 -3.73
CA ASN E 38 -1.33 2.13 -4.70
C ASN E 38 -0.09 2.57 -3.94
N TYR E 39 1.02 1.86 -4.14
CA TYR E 39 2.24 2.14 -3.37
C TYR E 39 3.08 3.21 -4.09
N LEU E 40 2.49 4.40 -4.16
CA LEU E 40 3.11 5.59 -4.72
C LEU E 40 3.31 6.59 -3.59
N THR E 41 4.56 6.92 -3.28
CA THR E 41 4.88 7.85 -2.22
C THR E 41 5.41 9.16 -2.81
N TRP E 42 5.04 10.29 -2.20
CA TRP E 42 5.58 11.60 -2.54
C TRP E 42 6.52 12.10 -1.46
N TYR E 43 7.60 12.75 -1.90
CA TYR E 43 8.63 13.27 -1.03
C TYR E 43 8.91 14.73 -1.32
N GLN E 44 9.25 15.48 -0.28
CA GLN E 44 9.68 16.86 -0.42
C GLN E 44 11.12 16.96 0.06
N GLN E 45 11.99 17.52 -0.77
CA GLN E 45 13.41 17.64 -0.40
C GLN E 45 13.84 19.09 -0.45
N LYS E 46 14.58 19.48 0.56
CA LYS E 46 15.22 20.78 0.69
C LYS E 46 16.73 20.57 0.75
N PRO E 47 17.53 21.50 0.21
CA PRO E 47 18.95 21.21 0.01
C PRO E 47 19.66 20.89 1.32
N GLY E 48 20.64 19.99 1.24
CA GLY E 48 21.32 19.52 2.42
C GLY E 48 20.55 18.59 3.33
N GLN E 49 19.28 18.31 3.04
CA GLN E 49 18.47 17.47 3.88
C GLN E 49 18.06 16.24 3.10
N PRO E 50 17.74 15.13 3.77
CA PRO E 50 17.21 13.96 3.06
C PRO E 50 15.80 14.23 2.59
N PRO E 51 15.31 13.48 1.60
CA PRO E 51 13.90 13.59 1.24
C PRO E 51 13.03 13.41 2.46
N LYS E 52 11.95 14.19 2.52
CA LYS E 52 10.95 14.11 3.58
C LYS E 52 9.67 13.54 2.98
N LEU E 53 9.12 12.51 3.62
CA LEU E 53 7.93 11.82 3.13
C LEU E 53 6.70 12.70 3.30
N LEU E 54 5.98 12.96 2.20
CA LEU E 54 4.78 13.80 2.29
C LEU E 54 3.49 12.99 2.24
N ILE E 55 3.33 12.16 1.20
CA ILE E 55 2.11 11.43 0.92
C ILE E 55 2.49 9.98 0.71
N TYR E 56 1.68 9.05 1.22
CA TYR E 56 1.87 7.65 0.90
C TYR E 56 0.53 7.01 0.55
N TRP E 57 0.63 5.82 -0.05
CA TRP E 57 -0.54 5.14 -0.61
C TRP E 57 -1.32 6.08 -1.53
N ALA E 58 -0.57 6.87 -2.29
CA ALA E 58 -1.08 7.75 -3.34
C ALA E 58 -1.83 8.96 -2.78
N SER E 59 -2.60 8.78 -1.70
CA SER E 59 -3.45 9.86 -1.25
C SER E 59 -3.51 10.09 0.25
N THR E 60 -2.70 9.41 1.06
CA THR E 60 -2.76 9.58 2.50
C THR E 60 -1.73 10.63 2.92
N ARG E 61 -2.21 11.66 3.60
CA ARG E 61 -1.33 12.72 4.05
C ARG E 61 -0.60 12.31 5.33
N GLU E 62 0.74 12.34 5.28
CA GLU E 62 1.56 12.00 6.44
C GLU E 62 1.30 12.94 7.61
N SER E 63 1.44 12.41 8.81
CA SER E 63 1.11 13.15 10.03
C SER E 63 1.89 14.47 10.11
N GLY E 64 1.17 15.54 10.44
CA GLY E 64 1.78 16.84 10.55
C GLY E 64 2.01 17.55 9.24
N VAL E 65 1.69 16.95 8.11
CA VAL E 65 1.79 17.65 6.83
C VAL E 65 0.59 18.59 6.69
N PRO E 66 0.80 19.85 6.32
CA PRO E 66 -0.31 20.78 6.14
C PRO E 66 -1.35 20.22 5.18
N ASP E 67 -2.62 20.38 5.56
CA ASP E 67 -3.70 19.86 4.72
C ASP E 67 -3.81 20.58 3.38
N ARG E 68 -3.04 21.65 3.15
CA ARG E 68 -2.99 22.21 1.81
C ARG E 68 -2.30 21.29 0.79
N PHE E 69 -1.71 20.18 1.26
CA PHE E 69 -1.07 19.20 0.40
C PHE E 69 -2.03 18.02 0.19
N THR E 70 -2.40 17.77 -1.07
CA THR E 70 -3.26 16.63 -1.39
C THR E 70 -2.67 15.84 -2.56
N GLY E 71 -2.57 14.53 -2.37
CA GLY E 71 -2.18 13.62 -3.44
C GLY E 71 -3.40 12.83 -3.88
N SER E 72 -3.43 12.45 -5.16
CA SER E 72 -4.58 11.73 -5.71
C SER E 72 -4.11 10.94 -6.92
N GLY E 73 -5.08 10.36 -7.63
CA GLY E 73 -4.80 9.53 -8.78
C GLY E 73 -4.84 8.04 -8.43
N SER E 74 -4.76 7.23 -9.49
CA SER E 74 -4.84 5.78 -9.36
C SER E 74 -4.35 5.16 -10.65
N GLY E 75 -4.04 3.87 -10.59
CA GLY E 75 -3.58 3.19 -11.79
C GLY E 75 -2.20 3.63 -12.21
N ARG E 76 -2.11 4.55 -13.17
CA ARG E 76 -0.82 5.00 -13.65
C ARG E 76 -0.63 6.52 -13.60
N ASP E 77 -1.66 7.29 -13.28
CA ASP E 77 -1.58 8.74 -13.31
C ASP E 77 -1.80 9.28 -11.90
N PHE E 78 -0.84 10.03 -11.40
CA PHE E 78 -0.88 10.53 -10.05
C PHE E 78 -0.60 12.02 -10.02
N THR E 79 -1.04 12.67 -8.96
CA THR E 79 -0.99 14.12 -8.91
C THR E 79 -0.71 14.57 -7.49
N LEU E 80 0.14 15.58 -7.35
CA LEU E 80 0.34 16.28 -6.09
C LEU E 80 -0.11 17.71 -6.29
N THR E 81 -1.05 18.16 -5.45
CA THR E 81 -1.69 19.46 -5.57
C THR E 81 -1.42 20.26 -4.31
N ILE E 82 -0.97 21.50 -4.48
CA ILE E 82 -0.77 22.43 -3.38
C ILE E 82 -1.79 23.55 -3.56
N SER E 83 -2.75 23.61 -2.63
CA SER E 83 -3.88 24.53 -2.80
C SER E 83 -3.44 25.98 -2.79
N SER E 84 -2.45 26.32 -1.96
CA SER E 84 -1.90 27.68 -1.93
C SER E 84 -0.43 27.58 -1.51
N VAL E 85 0.47 27.73 -2.48
CA VAL E 85 1.90 27.60 -2.17
C VAL E 85 2.32 28.65 -1.16
N GLN E 86 2.95 28.18 -0.08
CA GLN E 86 3.65 29.04 0.87
C GLN E 86 5.13 29.07 0.51
N ALA E 87 5.82 30.10 1.01
CA ALA E 87 7.25 30.23 0.76
C ALA E 87 8.03 29.01 1.24
N GLU E 88 7.61 28.38 2.33
CA GLU E 88 8.30 27.19 2.83
C GLU E 88 8.07 25.97 1.94
N ASP E 89 7.19 26.07 0.95
CA ASP E 89 6.91 24.95 0.05
C ASP E 89 7.80 24.94 -1.17
N LEU E 90 8.61 25.97 -1.37
CA LEU E 90 9.55 26.00 -2.49
C LEU E 90 10.63 24.95 -2.23
N ALA E 91 10.57 23.84 -2.97
CA ALA E 91 11.44 22.69 -2.77
C ALA E 91 11.33 21.81 -4.00
N VAL E 92 11.93 20.62 -3.93
CA VAL E 92 11.80 19.59 -4.96
C VAL E 92 10.84 18.52 -4.44
N TYR E 93 9.94 18.08 -5.32
CA TYR E 93 8.96 17.05 -5.01
C TYR E 93 9.23 15.84 -5.89
N TYR E 94 9.33 14.68 -5.25
CA TYR E 94 9.64 13.42 -5.91
C TYR E 94 8.49 12.44 -5.69
N CYS E 95 8.23 11.64 -6.70
CA CYS E 95 7.36 10.48 -6.54
C CYS E 95 8.23 9.22 -6.66
N GLN E 96 7.85 8.15 -5.95
CA GLN E 96 8.55 6.89 -6.04
C GLN E 96 7.57 5.73 -6.11
N ASN E 97 7.96 4.71 -6.89
CA ASN E 97 7.31 3.40 -6.88
C ASN E 97 7.76 2.65 -5.63
N ASP E 98 6.84 2.47 -4.68
CA ASP E 98 7.13 1.61 -3.55
C ASP E 98 6.42 0.27 -3.67
N ASN E 99 5.91 -0.07 -4.86
CA ASN E 99 5.11 -1.28 -5.00
C ASN E 99 5.91 -2.51 -5.41
N SER E 100 6.92 -2.35 -6.26
CA SER E 100 7.58 -3.53 -6.80
C SER E 100 9.01 -3.22 -7.21
N HIS E 101 9.91 -4.13 -6.84
CA HIS E 101 11.32 -3.98 -7.15
C HIS E 101 11.54 -3.97 -8.66
N PRO E 102 12.51 -3.19 -9.15
CA PRO E 102 13.34 -2.32 -8.29
C PRO E 102 12.60 -1.06 -7.87
N LEU E 103 12.74 -0.61 -6.62
CA LEU E 103 12.23 0.70 -6.26
C LEU E 103 12.81 1.74 -7.22
N THR E 104 11.95 2.65 -7.68
CA THR E 104 12.35 3.65 -8.66
C THR E 104 11.76 4.98 -8.26
N PHE E 105 12.47 6.06 -8.62
CA PHE E 105 12.06 7.41 -8.33
C PHE E 105 11.86 8.20 -9.62
N GLY E 106 10.94 9.15 -9.58
CA GLY E 106 10.92 10.15 -10.62
C GLY E 106 12.05 11.16 -10.46
N ALA E 107 12.32 11.88 -11.56
CA ALA E 107 13.40 12.86 -11.60
C ALA E 107 13.12 14.10 -10.77
N GLY E 108 11.89 14.29 -10.31
CA GLY E 108 11.59 15.40 -9.42
C GLY E 108 11.02 16.61 -10.13
N THR E 109 10.16 17.35 -9.42
CA THR E 109 9.68 18.65 -9.87
C THR E 109 10.09 19.72 -8.87
N LYS E 110 10.78 20.75 -9.36
CA LYS E 110 11.22 21.87 -8.53
C LYS E 110 10.22 23.01 -8.62
N LEU E 111 9.81 23.54 -7.48
CA LEU E 111 9.00 24.74 -7.42
C LEU E 111 9.94 25.92 -7.22
N GLU E 112 9.74 26.97 -8.01
CA GLU E 112 10.58 28.16 -7.96
C GLU E 112 9.72 29.41 -8.02
N LEU E 113 10.19 30.48 -7.40
CA LEU E 113 9.40 31.70 -7.27
C LEU E 113 9.69 32.66 -8.41
N PHE E 121 7.70 42.78 -6.50
CA PHE E 121 6.96 41.52 -6.49
C PHE E 121 7.18 40.74 -5.21
N LEU E 122 8.15 41.19 -4.42
CA LEU E 122 8.27 40.73 -3.05
C LEU E 122 7.60 41.68 -2.07
N LYS E 123 6.87 42.68 -2.58
CA LYS E 123 6.25 43.66 -1.70
C LYS E 123 5.26 43.02 -0.73
N SER E 124 4.48 42.03 -1.19
CA SER E 124 3.44 41.46 -0.33
C SER E 124 3.99 40.58 0.77
N TRP E 125 5.21 40.09 0.64
CA TRP E 125 5.79 39.21 1.65
C TRP E 125 6.07 39.98 2.93
N THR E 126 5.82 39.34 4.06
CA THR E 126 6.17 39.96 5.33
C THR E 126 7.69 40.06 5.48
N VAL E 127 8.12 40.89 6.42
CA VAL E 127 9.54 40.93 6.72
C VAL E 127 10.00 39.60 7.29
N GLU E 128 9.15 38.95 8.10
CA GLU E 128 9.53 37.67 8.67
C GLU E 128 9.67 36.62 7.58
N ASP E 129 8.76 36.62 6.60
CA ASP E 129 8.86 35.68 5.49
C ASP E 129 10.09 35.95 4.63
N LEU E 130 10.46 37.21 4.44
CA LEU E 130 11.64 37.51 3.63
C LEU E 130 12.93 37.11 4.34
N GLN E 131 13.03 37.36 5.64
CA GLN E 131 14.21 36.90 6.38
C GLN E 131 14.33 35.39 6.32
N LYS E 132 13.20 34.67 6.32
CA LYS E 132 13.27 33.22 6.17
C LYS E 132 13.78 32.83 4.79
N ARG E 133 13.34 33.55 3.74
CA ARG E 133 13.87 33.28 2.40
C ARG E 133 15.37 33.52 2.34
N LEU E 134 15.84 34.59 2.97
CA LEU E 134 17.27 34.84 3.06
C LEU E 134 17.97 33.70 3.80
N LEU E 135 17.42 33.31 4.94
CA LEU E 135 18.02 32.24 5.72
C LEU E 135 18.03 30.92 4.95
N ALA E 136 17.06 30.70 4.06
CA ALA E 136 17.05 29.41 3.36
C ALA E 136 18.16 29.31 2.33
N LEU E 137 18.85 30.41 2.05
CA LEU E 137 19.99 30.35 1.14
C LEU E 137 21.23 29.74 1.78
N ASP E 138 21.34 29.75 3.13
CA ASP E 138 22.52 29.18 3.78
C ASP E 138 22.80 27.75 3.34
N PRO E 139 21.89 26.78 3.49
CA PRO E 139 22.23 25.40 3.08
C PRO E 139 22.42 25.23 1.58
N MET E 140 21.88 26.12 0.75
CA MET E 140 22.12 26.00 -0.67
C MET E 140 23.55 26.38 -1.00
N MET E 141 24.01 27.52 -0.48
CA MET E 141 25.38 27.94 -0.73
C MET E 141 26.37 26.96 -0.13
N GLU E 142 26.07 26.44 1.07
CA GLU E 142 26.91 25.42 1.69
C GLU E 142 27.06 24.19 0.80
N GLN E 143 25.97 23.76 0.16
CA GLN E 143 26.05 22.59 -0.69
C GLN E 143 26.97 22.85 -1.89
N GLU E 144 26.92 24.05 -2.46
CA GLU E 144 27.79 24.33 -3.60
C GLU E 144 29.24 24.41 -3.17
N ILE E 145 29.50 24.93 -1.97
CA ILE E 145 30.85 25.10 -1.48
C ILE E 145 31.46 23.75 -1.16
N GLU E 146 30.71 22.89 -0.48
CA GLU E 146 31.20 21.55 -0.18
C GLU E 146 31.48 20.76 -1.43
N GLU E 147 30.70 21.00 -2.50
CA GLU E 147 30.94 20.31 -3.76
C GLU E 147 32.32 20.65 -4.32
N ILE E 148 32.72 21.93 -4.23
CA ILE E 148 34.06 22.37 -4.62
C ILE E 148 35.11 21.75 -3.72
N ARG E 149 34.93 21.89 -2.40
CA ARG E 149 35.80 21.28 -1.41
C ARG E 149 36.09 19.82 -1.71
N GLN E 150 35.06 19.06 -2.08
CA GLN E 150 35.28 17.65 -2.45
C GLN E 150 36.03 17.55 -3.77
N LYS E 151 35.71 18.42 -4.73
CA LYS E 151 36.38 18.37 -6.03
C LYS E 151 37.88 18.59 -5.86
N TYR E 152 38.29 19.45 -4.93
CA TYR E 152 39.72 19.67 -4.73
C TYR E 152 40.34 18.57 -3.89
N GLN E 153 39.56 17.88 -3.07
CA GLN E 153 40.07 16.68 -2.43
C GLN E 153 40.41 15.62 -3.47
N CYS E 154 39.65 15.55 -4.57
CA CYS E 154 40.00 14.64 -5.67
C CYS E 154 41.22 15.11 -6.44
N LYS E 155 41.37 16.42 -6.63
CA LYS E 155 42.59 16.95 -7.24
C LYS E 155 43.82 16.63 -6.41
N ARG E 156 43.69 16.69 -5.07
CA ARG E 156 44.83 16.50 -4.19
C ARG E 156 45.32 15.05 -4.14
N GLN E 157 44.43 14.09 -4.36
CA GLN E 157 44.77 12.68 -4.09
C GLN E 157 45.88 12.14 -4.99
N PRO E 158 45.78 12.22 -6.32
CA PRO E 158 46.88 11.69 -7.14
C PRO E 158 48.20 12.38 -6.93
N ILE E 159 48.21 13.58 -6.36
CA ILE E 159 49.48 14.23 -6.06
C ILE E 159 50.13 13.54 -4.88
N LEU E 160 49.36 13.24 -3.84
CA LEU E 160 49.89 12.52 -2.69
C LEU E 160 50.35 11.12 -3.08
N ASP E 161 49.60 10.46 -3.96
CA ASP E 161 49.98 9.12 -4.41
C ASP E 161 51.31 9.15 -5.16
N ALA E 162 51.50 10.11 -6.06
CA ALA E 162 52.79 10.23 -6.73
C ALA E 162 53.89 10.56 -5.74
N ILE E 163 53.58 11.40 -4.75
CA ILE E 163 54.55 11.72 -3.70
C ILE E 163 54.91 10.47 -2.92
N GLU E 164 53.90 9.76 -2.39
CA GLU E 164 54.17 8.58 -1.58
C GLU E 164 54.87 7.46 -2.35
N ALA E 165 54.84 7.49 -3.69
CA ALA E 165 55.52 6.49 -4.51
C ALA E 165 57.03 6.72 -4.53
N PRO F 2 12.15 -15.77 14.94
CA PRO F 2 11.85 -17.16 14.54
C PRO F 2 11.77 -17.30 13.03
N TYR F 3 10.84 -16.57 12.43
CA TYR F 3 10.70 -16.46 10.99
C TYR F 3 11.10 -15.04 10.57
N ASP F 4 11.62 -14.93 9.36
CA ASP F 4 11.91 -13.65 8.72
C ASP F 4 10.71 -13.21 7.91
N VAL F 5 10.70 -11.93 7.53
CA VAL F 5 9.60 -11.36 6.75
C VAL F 5 10.18 -10.76 5.48
N PRO F 6 9.77 -11.24 4.31
CA PRO F 6 10.27 -10.66 3.06
C PRO F 6 9.81 -9.21 2.89
N ASP F 7 10.49 -8.50 2.00
CA ASP F 7 10.08 -7.14 1.70
C ASP F 7 8.74 -7.16 0.97
N TYR F 8 7.92 -6.13 1.22
CA TYR F 8 6.61 -6.06 0.58
C TYR F 8 6.68 -5.61 -0.87
N ALA F 9 7.87 -5.30 -1.36
CA ALA F 9 8.05 -4.95 -2.76
C ALA F 9 8.59 -6.16 -3.52
S SO4 G . -40.76 -15.60 -11.13
O1 SO4 G . -41.65 -16.15 -10.07
O2 SO4 G . -41.23 -16.02 -12.46
O3 SO4 G . -39.39 -16.10 -10.91
O4 SO4 G . -40.76 -14.13 -11.06
S SO4 H . 2.36 -7.96 -2.35
O1 SO4 H . 2.71 -9.35 -2.67
O2 SO4 H . 0.99 -7.94 -1.76
O3 SO4 H . 3.33 -7.44 -1.36
O4 SO4 H . 2.40 -7.08 -3.53
#